data_1NG3
#
_entry.id   1NG3
#
_cell.length_a   139.378
_cell.length_b   139.378
_cell.length_c   208.155
_cell.angle_alpha   90.00
_cell.angle_beta   90.00
_cell.angle_gamma   120.00
#
_symmetry.space_group_name_H-M   'P 61 2 2'
#
loop_
_entity.id
_entity.type
_entity.pdbx_description
1 polymer 'Glycine oxidase'
2 non-polymer 'PHOSPHATE ION'
3 non-polymer 'FLAVIN-ADENINE DINUCLEOTIDE'
4 non-polymer 'ACETYLAMINO-ACETIC ACID'
5 water water
#
_entity_poly.entity_id   1
_entity_poly.type   'polypeptide(L)'
_entity_poly.pdbx_seq_one_letter_code
;MGHHHHHHHHHHSSGHIEGRHMKRHYEAVVIGGGIIGSAIAYYLAKENKNTALFESGTMGGRTTSAAAGMLGAHAECEER
DAFFDFAMHSQRLYKGLGEELYALSGVDIRQHNGGMFKLAFSEEDVLQLRQMDDLDSVSWYSKEEVLEKEPYASGDIFGA
SFIQDDVHVEPYFVCKAYVKAAKMLGAEIFEHTPVLHVERDGEALFIKTPSGDVWANHVVVASGVWSGMFFKQLGLNNAF
LPVKGECLSVWNDDIPLTKTLYHDHCYIVPRKSGRLVVGATMKPGDWSETPDLGGLESVMKKAKTMLPPIQNMKVDRFWA
GLRPGTKDGKPYIGRHPEDSRILFAAGHFRNGILLAPATGALISDLIMNKEVNQDWLHAFRIDRKEAVQI
;
_entity_poly.pdbx_strand_id   A,B
#
# COMPACT_ATOMS: atom_id res chain seq x y z
N MET A 22 -20.87 -16.38 -18.32
CA MET A 22 -19.87 -16.78 -19.36
C MET A 22 -20.58 -16.95 -20.72
N LYS A 23 -20.34 -16.03 -21.65
CA LYS A 23 -20.97 -16.11 -22.97
C LYS A 23 -20.51 -17.31 -23.79
N ARG A 24 -20.94 -17.35 -25.04
CA ARG A 24 -20.58 -18.45 -25.92
C ARG A 24 -19.58 -18.06 -26.99
N HIS A 25 -19.50 -16.77 -27.28
CA HIS A 25 -18.57 -16.31 -28.30
C HIS A 25 -17.96 -14.96 -27.97
N TYR A 26 -16.66 -14.83 -28.21
CA TYR A 26 -15.93 -13.60 -27.96
C TYR A 26 -15.01 -13.34 -29.13
N GLU A 27 -14.70 -12.09 -29.40
CA GLU A 27 -13.80 -11.77 -30.48
C GLU A 27 -12.42 -12.28 -30.09
N ALA A 28 -12.05 -12.06 -28.83
CA ALA A 28 -10.76 -12.49 -28.31
C ALA A 28 -10.86 -13.14 -26.93
N VAL A 29 -10.07 -14.19 -26.73
CA VAL A 29 -10.00 -14.93 -25.48
C VAL A 29 -8.56 -14.95 -24.98
N VAL A 30 -8.31 -14.39 -23.81
CA VAL A 30 -6.96 -14.40 -23.25
C VAL A 30 -6.86 -15.50 -22.20
N ILE A 31 -5.89 -16.40 -22.37
CA ILE A 31 -5.70 -17.52 -21.44
C ILE A 31 -4.56 -17.27 -20.46
N GLY A 32 -4.89 -16.85 -19.25
CA GLY A 32 -3.88 -16.60 -18.25
C GLY A 32 -4.11 -15.22 -17.66
N GLY A 33 -4.08 -15.13 -16.34
CA GLY A 33 -4.33 -13.84 -15.71
C GLY A 33 -3.24 -13.28 -14.84
N GLY A 34 -2.01 -13.31 -15.34
CA GLY A 34 -0.90 -12.74 -14.61
C GLY A 34 -0.80 -11.36 -15.21
N ILE A 35 0.25 -10.61 -14.88
CA ILE A 35 0.38 -9.27 -15.44
C ILE A 35 0.35 -9.23 -16.98
N ILE A 36 0.89 -10.24 -17.64
CA ILE A 36 0.89 -10.26 -19.10
C ILE A 36 -0.53 -10.35 -19.68
N GLY A 37 -1.23 -11.43 -19.37
CA GLY A 37 -2.59 -11.59 -19.87
C GLY A 37 -3.47 -10.42 -19.46
N SER A 38 -3.25 -9.90 -18.27
CA SER A 38 -4.04 -8.78 -17.76
C SER A 38 -3.85 -7.56 -18.64
N ALA A 39 -2.60 -7.26 -18.95
CA ALA A 39 -2.29 -6.12 -19.80
C ALA A 39 -2.94 -6.33 -21.17
N ILE A 40 -2.77 -7.52 -21.72
CA ILE A 40 -3.33 -7.85 -23.03
C ILE A 40 -4.84 -7.60 -23.04
N ALA A 41 -5.52 -8.10 -22.02
CA ALA A 41 -6.97 -7.95 -21.92
C ALA A 41 -7.36 -6.48 -21.87
N TYR A 42 -6.55 -5.67 -21.21
CA TYR A 42 -6.83 -4.25 -21.11
C TYR A 42 -6.75 -3.54 -22.44
N TYR A 43 -5.65 -3.73 -23.15
CA TYR A 43 -5.46 -3.08 -24.43
C TYR A 43 -6.49 -3.49 -25.47
N LEU A 44 -6.96 -4.74 -25.37
CA LEU A 44 -7.97 -5.22 -26.31
C LEU A 44 -9.29 -4.54 -25.97
N ALA A 45 -9.56 -4.43 -24.67
CA ALA A 45 -10.78 -3.79 -24.20
C ALA A 45 -10.76 -2.35 -24.69
N LYS A 46 -9.58 -1.73 -24.64
CA LYS A 46 -9.39 -0.35 -25.06
C LYS A 46 -9.65 -0.23 -26.57
N GLU A 47 -9.24 -1.25 -27.33
CA GLU A 47 -9.44 -1.27 -28.76
C GLU A 47 -10.89 -1.67 -29.03
N ASN A 48 -11.66 -1.76 -27.95
CA ASN A 48 -13.06 -2.13 -28.03
C ASN A 48 -13.23 -3.46 -28.77
N LYS A 49 -12.79 -4.53 -28.13
CA LYS A 49 -12.88 -5.86 -28.72
C LYS A 49 -13.58 -6.73 -27.68
N ASN A 50 -14.71 -7.33 -28.05
CA ASN A 50 -15.45 -8.20 -27.15
C ASN A 50 -14.44 -9.25 -26.68
N THR A 51 -13.81 -9.00 -25.54
CA THR A 51 -12.79 -9.92 -25.04
C THR A 51 -13.07 -10.57 -23.69
N ALA A 52 -12.57 -11.78 -23.53
CA ALA A 52 -12.72 -12.53 -22.29
C ALA A 52 -11.35 -13.05 -21.88
N LEU A 53 -11.15 -13.18 -20.57
CA LEU A 53 -9.89 -13.70 -20.04
C LEU A 53 -10.19 -14.82 -19.06
N PHE A 54 -9.55 -15.96 -19.24
CA PHE A 54 -9.76 -17.11 -18.37
C PHE A 54 -8.56 -17.36 -17.47
N GLU A 55 -8.74 -17.16 -16.17
CA GLU A 55 -7.65 -17.37 -15.21
C GLU A 55 -7.92 -18.60 -14.34
N SER A 56 -6.97 -19.51 -14.34
CA SER A 56 -7.07 -20.74 -13.57
C SER A 56 -7.39 -20.54 -12.08
N GLY A 57 -6.76 -19.56 -11.45
CA GLY A 57 -7.00 -19.29 -10.04
C GLY A 57 -7.44 -17.86 -9.84
N THR A 58 -6.59 -17.03 -9.21
CA THR A 58 -6.95 -15.63 -9.02
C THR A 58 -6.00 -14.75 -9.81
N MET A 59 -6.50 -13.59 -10.24
CA MET A 59 -5.71 -12.66 -11.03
C MET A 59 -4.41 -12.30 -10.34
N GLY A 60 -3.29 -12.49 -11.05
CA GLY A 60 -1.97 -12.19 -10.52
C GLY A 60 -1.57 -13.04 -9.33
N GLY A 61 -2.14 -14.23 -9.21
CA GLY A 61 -1.83 -15.09 -8.07
C GLY A 61 -0.58 -15.94 -8.16
N ARG A 62 0.13 -15.89 -9.28
CA ARG A 62 1.34 -16.71 -9.38
C ARG A 62 2.65 -15.90 -9.41
N THR A 63 3.48 -16.16 -10.41
CA THR A 63 4.77 -15.50 -10.54
C THR A 63 4.69 -13.98 -10.38
N THR A 64 3.67 -13.39 -10.98
CA THR A 64 3.47 -11.95 -10.91
C THR A 64 3.50 -11.43 -9.46
N SER A 65 2.86 -12.15 -8.55
CA SER A 65 2.84 -11.74 -7.15
C SER A 65 4.16 -11.90 -6.42
N ALA A 66 5.10 -12.60 -7.04
CA ALA A 66 6.38 -12.83 -6.39
C ALA A 66 7.44 -11.86 -6.83
N ALA A 67 7.23 -11.22 -7.98
CA ALA A 67 8.22 -10.28 -8.52
C ALA A 67 8.46 -9.03 -7.70
N ALA A 68 9.67 -8.49 -7.85
CA ALA A 68 10.06 -7.27 -7.15
C ALA A 68 9.41 -6.07 -7.81
N GLY A 69 9.27 -6.12 -9.13
CA GLY A 69 8.65 -5.03 -9.84
C GLY A 69 9.61 -3.97 -10.37
N MET A 70 10.87 -4.33 -10.58
CA MET A 70 11.84 -3.38 -11.11
C MET A 70 11.67 -3.28 -12.61
N LEU A 71 11.74 -2.06 -13.13
CA LEU A 71 11.64 -1.87 -14.57
C LEU A 71 13.10 -1.89 -15.07
N GLY A 72 13.79 -2.98 -14.75
CA GLY A 72 15.19 -3.12 -15.11
C GLY A 72 15.47 -3.24 -16.60
N ALA A 73 15.32 -2.13 -17.32
CA ALA A 73 15.57 -2.13 -18.75
C ALA A 73 17.06 -2.11 -19.04
N HIS A 74 17.86 -1.76 -18.03
CA HIS A 74 19.30 -1.70 -18.18
C HIS A 74 20.01 -2.94 -17.61
N ALA A 75 19.32 -4.06 -17.66
CA ALA A 75 19.87 -5.31 -17.19
C ALA A 75 19.97 -6.15 -18.46
N GLU A 76 19.39 -5.59 -19.53
CA GLU A 76 19.36 -6.21 -20.84
C GLU A 76 20.03 -5.31 -21.88
N CYS A 77 21.12 -4.66 -21.47
CA CYS A 77 21.84 -3.77 -22.38
C CYS A 77 23.30 -4.18 -22.55
N GLU A 78 23.64 -5.41 -22.17
CA GLU A 78 25.00 -5.88 -22.32
C GLU A 78 25.24 -5.99 -23.83
N GLU A 79 24.16 -5.82 -24.58
CA GLU A 79 24.15 -5.84 -26.04
C GLU A 79 22.94 -5.01 -26.45
N ARG A 80 23.17 -3.85 -27.04
CA ARG A 80 22.07 -2.98 -27.43
C ARG A 80 21.34 -3.45 -28.68
N ASP A 81 20.64 -4.57 -28.59
CA ASP A 81 19.90 -5.10 -29.73
C ASP A 81 18.40 -4.83 -29.62
N ALA A 82 17.61 -5.59 -30.39
CA ALA A 82 16.16 -5.45 -30.40
C ALA A 82 15.56 -5.60 -29.02
N PHE A 83 16.08 -6.58 -28.27
CA PHE A 83 15.59 -6.84 -26.92
C PHE A 83 15.71 -5.60 -26.05
N PHE A 84 16.85 -4.92 -26.12
CA PHE A 84 17.07 -3.72 -25.33
C PHE A 84 16.15 -2.58 -25.77
N ASP A 85 15.92 -2.47 -27.08
CA ASP A 85 15.05 -1.41 -27.59
C ASP A 85 13.62 -1.65 -27.13
N PHE A 86 13.24 -2.93 -27.07
CA PHE A 86 11.90 -3.30 -26.63
C PHE A 86 11.78 -2.96 -25.14
N ALA A 87 12.75 -3.42 -24.36
CA ALA A 87 12.75 -3.16 -22.92
C ALA A 87 12.64 -1.66 -22.67
N MET A 88 13.45 -0.89 -23.39
CA MET A 88 13.44 0.56 -23.26
C MET A 88 12.08 1.16 -23.62
N HIS A 89 11.52 0.67 -24.72
CA HIS A 89 10.22 1.14 -25.18
C HIS A 89 9.13 0.82 -24.17
N SER A 90 9.18 -0.38 -23.59
CA SER A 90 8.19 -0.79 -22.60
C SER A 90 8.35 0.08 -21.35
N GLN A 91 9.59 0.34 -20.98
CA GLN A 91 9.88 1.17 -19.81
C GLN A 91 9.31 2.56 -20.03
N ARG A 92 9.35 2.99 -21.29
CA ARG A 92 8.83 4.29 -21.66
C ARG A 92 7.31 4.30 -21.46
N LEU A 93 6.66 3.25 -21.92
CA LEU A 93 5.20 3.13 -21.79
C LEU A 93 4.70 3.23 -20.35
N TYR A 94 5.58 3.06 -19.38
CA TYR A 94 5.16 3.14 -17.98
C TYR A 94 4.93 4.58 -17.54
N LYS A 95 5.45 5.52 -18.31
CA LYS A 95 5.28 6.94 -17.98
C LYS A 95 3.80 7.28 -18.12
N GLY A 96 3.16 7.57 -17.01
CA GLY A 96 1.75 7.90 -17.04
C GLY A 96 0.79 6.73 -16.90
N LEU A 97 1.29 5.51 -17.06
CA LEU A 97 0.44 4.33 -16.96
C LEU A 97 -0.28 4.25 -15.62
N GLY A 98 0.42 4.61 -14.54
CA GLY A 98 -0.18 4.57 -13.22
C GLY A 98 -1.46 5.37 -13.12
N GLU A 99 -1.39 6.64 -13.51
CA GLU A 99 -2.53 7.56 -13.47
C GLU A 99 -3.67 7.06 -14.36
N GLU A 100 -3.31 6.61 -15.56
CA GLU A 100 -4.27 6.10 -16.52
C GLU A 100 -5.10 4.94 -15.95
N LEU A 101 -4.42 4.02 -15.28
CA LEU A 101 -5.11 2.86 -14.72
C LEU A 101 -5.83 3.22 -13.42
N TYR A 102 -5.31 4.21 -12.70
CA TYR A 102 -5.97 4.61 -11.46
C TYR A 102 -7.36 5.14 -11.78
N ALA A 103 -7.39 6.09 -12.72
CA ALA A 103 -8.63 6.71 -13.17
C ALA A 103 -9.75 5.69 -13.41
N LEU A 104 -9.39 4.54 -13.96
CA LEU A 104 -10.35 3.50 -14.29
C LEU A 104 -10.47 2.38 -13.24
N SER A 105 -9.41 2.17 -12.46
CA SER A 105 -9.40 1.10 -11.47
C SER A 105 -9.62 1.50 -10.03
N GLY A 106 -9.03 2.61 -9.63
CA GLY A 106 -9.15 3.02 -8.25
C GLY A 106 -8.04 2.31 -7.50
N VAL A 107 -7.13 1.68 -8.24
CA VAL A 107 -6.00 0.96 -7.66
C VAL A 107 -4.67 1.67 -7.95
N ASP A 108 -3.93 1.96 -6.90
CA ASP A 108 -2.63 2.60 -7.03
C ASP A 108 -1.58 1.52 -7.31
N ILE A 109 -0.74 1.71 -8.34
CA ILE A 109 0.27 0.69 -8.63
C ILE A 109 1.51 0.83 -7.75
N ARG A 110 1.55 1.87 -6.94
CA ARG A 110 2.65 2.11 -6.03
C ARG A 110 4.02 2.24 -6.71
N GLN A 111 4.13 3.20 -7.61
CA GLN A 111 5.38 3.43 -8.31
C GLN A 111 6.36 4.23 -7.44
N HIS A 112 7.62 3.81 -7.44
CA HIS A 112 8.68 4.45 -6.68
C HIS A 112 9.78 4.85 -7.65
N ASN A 113 10.05 6.16 -7.76
CA ASN A 113 11.04 6.67 -8.69
C ASN A 113 12.45 6.94 -8.16
N GLY A 114 12.83 6.30 -7.07
CA GLY A 114 14.15 6.52 -6.52
C GLY A 114 15.31 6.27 -7.46
N GLY A 115 15.15 5.33 -8.40
CA GLY A 115 16.23 5.03 -9.30
C GLY A 115 16.99 3.83 -8.78
N MET A 116 18.07 3.44 -9.46
CA MET A 116 18.82 2.27 -9.04
C MET A 116 20.34 2.41 -9.00
N PHE A 117 20.96 1.80 -7.98
CA PHE A 117 22.42 1.81 -7.85
C PHE A 117 22.93 0.40 -8.11
N LYS A 118 23.38 0.12 -9.34
CA LYS A 118 23.93 -1.19 -9.63
C LYS A 118 25.33 -1.19 -9.01
N LEU A 119 25.48 -1.79 -7.83
CA LEU A 119 26.77 -1.82 -7.13
C LEU A 119 27.87 -2.63 -7.81
N ALA A 120 29.10 -2.25 -7.50
CA ALA A 120 30.30 -2.92 -8.02
C ALA A 120 31.15 -3.34 -6.84
N PHE A 121 31.63 -4.58 -6.86
CA PHE A 121 32.46 -5.07 -5.76
C PHE A 121 33.84 -5.50 -6.25
N SER A 122 34.17 -5.13 -7.48
CA SER A 122 35.46 -5.49 -8.06
C SER A 122 35.74 -4.63 -9.29
N GLU A 123 36.96 -4.73 -9.81
CA GLU A 123 37.34 -3.96 -10.99
C GLU A 123 36.57 -4.45 -12.19
N GLU A 124 36.44 -5.78 -12.32
CA GLU A 124 35.70 -6.35 -13.43
C GLU A 124 34.28 -5.81 -13.39
N ASP A 125 33.73 -5.69 -12.19
CA ASP A 125 32.38 -5.15 -12.03
C ASP A 125 32.36 -3.76 -12.62
N VAL A 126 33.36 -2.96 -12.28
CA VAL A 126 33.46 -1.59 -12.77
C VAL A 126 33.59 -1.56 -14.29
N LEU A 127 34.50 -2.38 -14.80
CA LEU A 127 34.71 -2.47 -16.23
C LEU A 127 33.37 -2.75 -16.91
N GLN A 128 32.72 -3.81 -16.46
CA GLN A 128 31.43 -4.19 -17.01
C GLN A 128 30.37 -3.10 -16.86
N LEU A 129 30.19 -2.56 -15.66
CA LEU A 129 29.19 -1.53 -15.45
C LEU A 129 29.47 -0.20 -16.17
N ARG A 130 30.74 0.13 -16.36
CA ARG A 130 31.09 1.39 -17.03
C ARG A 130 30.66 1.34 -18.49
N GLN A 131 30.66 0.15 -19.08
CA GLN A 131 30.29 0.00 -20.48
C GLN A 131 28.97 0.65 -20.87
N MET A 132 28.14 1.02 -19.90
CA MET A 132 26.87 1.65 -20.25
C MET A 132 26.83 3.14 -19.90
N ASP A 133 28.01 3.72 -19.70
CA ASP A 133 28.14 5.14 -19.36
C ASP A 133 27.61 6.03 -20.48
N ASP A 134 27.76 5.57 -21.72
CA ASP A 134 27.31 6.31 -22.88
C ASP A 134 25.78 6.36 -23.00
N LEU A 135 25.10 5.66 -22.11
CA LEU A 135 23.64 5.65 -22.14
C LEU A 135 23.07 6.87 -21.42
N ASP A 136 21.89 7.30 -21.86
CA ASP A 136 21.20 8.46 -21.32
C ASP A 136 20.52 8.15 -19.98
N SER A 137 20.60 9.10 -19.05
CA SER A 137 20.01 8.95 -17.72
C SER A 137 20.74 7.88 -16.92
N VAL A 138 21.89 7.46 -17.42
CA VAL A 138 22.70 6.46 -16.74
C VAL A 138 24.08 7.07 -16.57
N SER A 139 24.59 7.05 -15.33
CA SER A 139 25.90 7.61 -15.07
C SER A 139 26.63 6.88 -13.94
N TRP A 140 27.95 6.94 -13.97
CA TRP A 140 28.77 6.27 -12.96
C TRP A 140 29.02 7.13 -11.71
N TYR A 141 29.07 6.48 -10.55
CA TYR A 141 29.32 7.14 -9.28
C TYR A 141 30.50 6.44 -8.62
N SER A 142 31.28 7.20 -7.87
CA SER A 142 32.44 6.65 -7.18
C SER A 142 32.05 6.13 -5.80
N LYS A 143 32.84 5.22 -5.28
CA LYS A 143 32.61 4.63 -3.97
C LYS A 143 32.22 5.66 -2.91
N GLU A 144 32.71 6.88 -3.07
CA GLU A 144 32.40 7.95 -2.12
C GLU A 144 31.19 8.77 -2.51
N GLU A 145 30.87 8.80 -3.81
CA GLU A 145 29.71 9.54 -4.30
C GLU A 145 28.44 8.72 -4.05
N VAL A 146 28.61 7.41 -3.94
CA VAL A 146 27.49 6.51 -3.68
C VAL A 146 27.13 6.65 -2.21
N LEU A 147 28.13 6.52 -1.35
CA LEU A 147 27.93 6.63 0.09
C LEU A 147 27.40 8.00 0.49
N GLU A 148 27.48 8.98 -0.40
CA GLU A 148 26.97 10.30 -0.07
C GLU A 148 25.45 10.26 -0.14
N LYS A 149 24.94 9.50 -1.12
CA LYS A 149 23.51 9.36 -1.30
C LYS A 149 22.96 8.24 -0.41
N GLU A 150 23.66 7.12 -0.41
CA GLU A 150 23.27 5.97 0.40
C GLU A 150 24.42 5.61 1.33
N PRO A 151 24.50 6.30 2.48
CA PRO A 151 25.50 6.14 3.54
C PRO A 151 25.71 4.74 4.06
N TYR A 152 24.64 3.96 4.09
CA TYR A 152 24.71 2.62 4.63
C TYR A 152 24.98 1.50 3.64
N ALA A 153 25.22 1.87 2.38
CA ALA A 153 25.53 0.89 1.36
C ALA A 153 26.88 0.30 1.76
N SER A 154 27.12 -0.96 1.42
CA SER A 154 28.38 -1.60 1.79
C SER A 154 29.60 -0.73 1.51
N GLY A 155 30.54 -0.74 2.46
CA GLY A 155 31.75 0.04 2.31
C GLY A 155 32.80 -0.70 1.50
N ASP A 156 32.43 -1.83 0.92
CA ASP A 156 33.34 -2.65 0.13
C ASP A 156 33.11 -2.48 -1.36
N ILE A 157 32.30 -1.49 -1.73
CA ILE A 157 32.01 -1.24 -3.13
C ILE A 157 33.08 -0.41 -3.82
N PHE A 158 33.16 -0.56 -5.14
CA PHE A 158 34.11 0.17 -5.96
C PHE A 158 33.32 1.27 -6.65
N GLY A 159 32.12 1.53 -6.12
CA GLY A 159 31.26 2.54 -6.72
C GLY A 159 30.10 1.84 -7.40
N ALA A 160 29.26 2.59 -8.11
CA ALA A 160 28.12 1.96 -8.77
C ALA A 160 27.55 2.80 -9.90
N SER A 161 26.79 2.16 -10.77
CA SER A 161 26.17 2.86 -11.89
C SER A 161 24.77 3.30 -11.47
N PHE A 162 24.45 4.57 -11.67
CA PHE A 162 23.14 5.07 -11.29
C PHE A 162 22.19 5.06 -12.48
N ILE A 163 21.15 4.24 -12.41
CA ILE A 163 20.19 4.15 -13.49
C ILE A 163 18.92 4.83 -13.00
N GLN A 164 18.74 6.07 -13.42
CA GLN A 164 17.59 6.87 -13.02
C GLN A 164 16.23 6.30 -13.42
N ASP A 165 16.15 5.68 -14.59
CA ASP A 165 14.87 5.16 -15.06
C ASP A 165 14.50 3.75 -14.66
N ASP A 166 15.42 3.00 -14.06
CA ASP A 166 15.11 1.66 -13.61
C ASP A 166 14.41 1.75 -12.26
N VAL A 167 13.23 2.36 -12.25
CA VAL A 167 12.44 2.52 -11.02
C VAL A 167 11.66 1.23 -10.70
N HIS A 168 10.75 1.28 -9.75
CA HIS A 168 9.98 0.07 -9.44
C HIS A 168 8.51 0.31 -9.06
N VAL A 169 7.71 -0.74 -9.22
CA VAL A 169 6.29 -0.71 -8.92
C VAL A 169 5.94 -2.00 -8.17
N GLU A 170 4.70 -2.12 -7.70
CA GLU A 170 4.29 -3.35 -7.03
C GLU A 170 3.48 -4.10 -8.06
N PRO A 171 4.07 -5.18 -8.62
CA PRO A 171 3.51 -6.05 -9.65
C PRO A 171 2.06 -6.49 -9.48
N TYR A 172 1.69 -6.93 -8.29
CA TYR A 172 0.34 -7.40 -8.02
C TYR A 172 -0.68 -6.32 -8.31
N PHE A 173 -0.44 -5.13 -7.80
CA PHE A 173 -1.38 -4.04 -8.00
C PHE A 173 -1.43 -3.50 -9.42
N VAL A 174 -0.31 -3.47 -10.12
CA VAL A 174 -0.36 -3.00 -11.51
C VAL A 174 -1.18 -4.03 -12.29
N CYS A 175 -1.09 -5.29 -11.88
CA CYS A 175 -1.86 -6.34 -12.52
C CYS A 175 -3.35 -6.15 -12.21
N LYS A 176 -3.69 -5.97 -10.93
CA LYS A 176 -5.09 -5.77 -10.53
C LYS A 176 -5.66 -4.50 -11.14
N ALA A 177 -4.81 -3.52 -11.38
CA ALA A 177 -5.24 -2.26 -11.97
C ALA A 177 -5.60 -2.52 -13.43
N TYR A 178 -4.76 -3.29 -14.12
CA TYR A 178 -5.03 -3.61 -15.51
C TYR A 178 -6.37 -4.33 -15.61
N VAL A 179 -6.54 -5.38 -14.80
CA VAL A 179 -7.75 -6.18 -14.82
C VAL A 179 -9.00 -5.35 -14.53
N LYS A 180 -8.95 -4.56 -13.47
CA LYS A 180 -10.09 -3.74 -13.08
C LYS A 180 -10.40 -2.72 -14.18
N ALA A 181 -9.36 -2.06 -14.70
CA ALA A 181 -9.57 -1.09 -15.77
C ALA A 181 -10.21 -1.79 -16.97
N ALA A 182 -9.79 -3.03 -17.22
CA ALA A 182 -10.32 -3.80 -18.33
C ALA A 182 -11.80 -4.13 -18.11
N LYS A 183 -12.16 -4.45 -16.87
CA LYS A 183 -13.54 -4.78 -16.54
C LYS A 183 -14.45 -3.60 -16.82
N MET A 184 -14.00 -2.42 -16.39
CA MET A 184 -14.75 -1.19 -16.58
C MET A 184 -14.95 -0.92 -18.07
N LEU A 185 -14.01 -1.36 -18.90
CA LEU A 185 -14.13 -1.16 -20.34
C LEU A 185 -14.85 -2.31 -21.04
N GLY A 186 -15.44 -3.22 -20.26
CA GLY A 186 -16.18 -4.32 -20.86
C GLY A 186 -15.58 -5.71 -20.96
N ALA A 187 -14.34 -5.88 -20.52
CA ALA A 187 -13.72 -7.20 -20.59
C ALA A 187 -14.34 -8.09 -19.53
N GLU A 188 -14.59 -9.34 -19.88
CA GLU A 188 -15.18 -10.30 -18.94
C GLU A 188 -14.11 -11.23 -18.39
N ILE A 189 -13.80 -11.07 -17.12
CA ILE A 189 -12.76 -11.86 -16.45
C ILE A 189 -13.32 -13.03 -15.65
N PHE A 190 -12.81 -14.22 -15.93
CA PHE A 190 -13.29 -15.42 -15.26
C PHE A 190 -12.21 -16.13 -14.43
N GLU A 191 -12.22 -15.90 -13.13
CA GLU A 191 -11.26 -16.55 -12.26
C GLU A 191 -11.69 -17.97 -11.99
N HIS A 192 -10.78 -18.77 -11.46
CA HIS A 192 -11.07 -20.16 -11.14
C HIS A 192 -11.61 -20.92 -12.34
N THR A 193 -11.26 -20.45 -13.53
CA THR A 193 -11.70 -21.07 -14.78
C THR A 193 -10.53 -21.55 -15.66
N PRO A 194 -9.98 -22.72 -15.34
CA PRO A 194 -8.87 -23.27 -16.12
C PRO A 194 -9.26 -23.53 -17.57
N VAL A 195 -8.39 -23.18 -18.52
CA VAL A 195 -8.68 -23.49 -19.90
C VAL A 195 -8.06 -24.88 -20.05
N LEU A 196 -8.87 -25.85 -20.43
CA LEU A 196 -8.39 -27.23 -20.56
C LEU A 196 -7.79 -27.56 -21.92
N HIS A 197 -8.36 -27.01 -22.98
CA HIS A 197 -7.90 -27.32 -24.31
C HIS A 197 -8.34 -26.27 -25.33
N VAL A 198 -7.45 -25.98 -26.28
CA VAL A 198 -7.75 -25.02 -27.35
C VAL A 198 -7.93 -25.82 -28.64
N GLU A 199 -9.10 -25.70 -29.23
CA GLU A 199 -9.44 -26.40 -30.45
C GLU A 199 -9.56 -25.47 -31.64
N ARG A 200 -9.00 -25.90 -32.75
CA ARG A 200 -9.05 -25.15 -33.99
C ARG A 200 -9.58 -26.11 -35.04
N ASP A 201 -10.70 -25.75 -35.64
CA ASP A 201 -11.29 -26.60 -36.67
C ASP A 201 -12.29 -25.79 -37.50
N GLY A 202 -13.19 -25.09 -36.81
CA GLY A 202 -14.15 -24.28 -37.51
C GLY A 202 -13.41 -23.10 -38.12
N GLU A 203 -14.14 -22.03 -38.43
CA GLU A 203 -13.50 -20.86 -39.01
C GLU A 203 -12.98 -20.06 -37.83
N ALA A 204 -13.28 -20.54 -36.63
CA ALA A 204 -12.85 -19.88 -35.40
C ALA A 204 -12.28 -20.90 -34.41
N LEU A 205 -11.75 -20.39 -33.30
CA LEU A 205 -11.17 -21.24 -32.26
C LEU A 205 -12.23 -21.68 -31.26
N PHE A 206 -11.91 -22.75 -30.54
CA PHE A 206 -12.81 -23.32 -29.57
C PHE A 206 -12.05 -23.62 -28.28
N ILE A 207 -12.32 -22.86 -27.22
CA ILE A 207 -11.65 -23.06 -25.94
C ILE A 207 -12.53 -23.89 -25.03
N LYS A 208 -11.94 -24.80 -24.26
CA LYS A 208 -12.71 -25.63 -23.35
C LYS A 208 -12.32 -25.49 -21.87
N THR A 209 -13.29 -25.12 -21.04
CA THR A 209 -13.07 -24.95 -19.60
C THR A 209 -14.05 -25.84 -18.84
N PRO A 210 -13.78 -26.13 -17.57
CA PRO A 210 -14.71 -26.98 -16.81
C PRO A 210 -16.08 -26.32 -16.67
N SER A 211 -16.12 -25.00 -16.87
CA SER A 211 -17.36 -24.25 -16.75
C SER A 211 -17.98 -24.00 -18.12
N GLY A 212 -17.78 -24.92 -19.05
CA GLY A 212 -18.35 -24.74 -20.38
C GLY A 212 -17.33 -24.45 -21.46
N ASP A 213 -17.81 -24.30 -22.70
CA ASP A 213 -16.94 -24.04 -23.83
C ASP A 213 -17.24 -22.69 -24.49
N VAL A 214 -16.24 -22.13 -25.17
CA VAL A 214 -16.38 -20.82 -25.82
C VAL A 214 -15.70 -20.76 -27.19
N TRP A 215 -16.25 -19.93 -28.08
CA TRP A 215 -15.71 -19.74 -29.42
C TRP A 215 -15.08 -18.36 -29.50
N ALA A 216 -14.02 -18.22 -30.28
CA ALA A 216 -13.37 -16.92 -30.43
C ALA A 216 -12.74 -16.76 -31.81
N ASN A 217 -12.39 -15.53 -32.15
CA ASN A 217 -11.75 -15.24 -33.43
C ASN A 217 -10.26 -15.07 -33.19
N HIS A 218 -9.89 -14.96 -31.91
CA HIS A 218 -8.51 -14.80 -31.52
C HIS A 218 -8.29 -15.37 -30.14
N VAL A 219 -7.27 -16.20 -30.00
CA VAL A 219 -6.92 -16.77 -28.70
C VAL A 219 -5.51 -16.30 -28.42
N VAL A 220 -5.27 -15.87 -27.20
CA VAL A 220 -3.94 -15.42 -26.79
C VAL A 220 -3.51 -16.27 -25.61
N VAL A 221 -2.41 -17.01 -25.77
CA VAL A 221 -1.90 -17.84 -24.69
C VAL A 221 -0.94 -17.00 -23.83
N ALA A 222 -1.32 -16.76 -22.57
CA ALA A 222 -0.48 -15.98 -21.65
C ALA A 222 -0.51 -16.68 -20.28
N SER A 223 -0.22 -17.98 -20.28
CA SER A 223 -0.21 -18.78 -19.07
C SER A 223 1.13 -18.88 -18.38
N GLY A 224 2.01 -17.91 -18.62
CA GLY A 224 3.32 -17.94 -18.00
C GLY A 224 4.05 -19.26 -18.21
N VAL A 225 4.66 -19.76 -17.15
CA VAL A 225 5.43 -21.00 -17.20
C VAL A 225 4.59 -22.25 -17.52
N TRP A 226 3.28 -22.14 -17.44
CA TRP A 226 2.41 -23.29 -17.72
C TRP A 226 1.94 -23.30 -19.18
N SER A 227 2.49 -22.39 -19.98
CA SER A 227 2.09 -22.29 -21.39
C SER A 227 2.41 -23.49 -22.26
N GLY A 228 3.38 -24.28 -21.85
CA GLY A 228 3.78 -25.44 -22.63
C GLY A 228 2.68 -26.30 -23.19
N MET A 229 1.72 -26.68 -22.35
CA MET A 229 0.63 -27.55 -22.79
C MET A 229 -0.14 -27.00 -23.98
N PHE A 230 -0.27 -25.68 -24.07
CA PHE A 230 -1.00 -25.10 -25.19
C PHE A 230 -0.17 -25.15 -26.46
N PHE A 231 1.10 -24.79 -26.35
CA PHE A 231 2.01 -24.87 -27.50
C PHE A 231 1.93 -26.28 -28.05
N LYS A 232 2.13 -27.26 -27.17
CA LYS A 232 2.09 -28.66 -27.57
C LYS A 232 0.73 -29.06 -28.16
N GLN A 233 -0.35 -28.50 -27.61
CA GLN A 233 -1.68 -28.80 -28.11
C GLN A 233 -1.85 -28.28 -29.53
N LEU A 234 -1.17 -27.18 -29.83
CA LEU A 234 -1.27 -26.55 -31.14
C LEU A 234 -0.15 -26.93 -32.11
N GLY A 235 0.54 -28.03 -31.83
CA GLY A 235 1.60 -28.48 -32.72
C GLY A 235 3.01 -27.91 -32.55
N LEU A 236 3.18 -26.89 -31.72
CA LEU A 236 4.51 -26.32 -31.50
C LEU A 236 5.18 -27.10 -30.38
N ASN A 237 6.52 -27.06 -30.32
CA ASN A 237 7.23 -27.78 -29.27
C ASN A 237 8.02 -26.86 -28.32
N ASN A 238 7.73 -25.57 -28.39
CA ASN A 238 8.37 -24.60 -27.52
C ASN A 238 8.26 -25.09 -26.08
N ALA A 239 9.39 -25.16 -25.39
CA ALA A 239 9.39 -25.62 -24.01
C ALA A 239 9.57 -24.51 -22.98
N PHE A 240 9.11 -24.78 -21.77
CA PHE A 240 9.21 -23.83 -20.67
C PHE A 240 9.82 -24.59 -19.50
N LEU A 241 10.70 -23.90 -18.80
CA LEU A 241 11.42 -24.46 -17.67
C LEU A 241 11.27 -23.45 -16.55
N PRO A 242 10.75 -23.88 -15.40
CA PRO A 242 10.61 -22.91 -14.31
C PRO A 242 11.94 -22.64 -13.67
N VAL A 243 12.18 -21.37 -13.36
CA VAL A 243 13.40 -21.03 -12.67
C VAL A 243 12.89 -20.34 -11.40
N LYS A 244 12.84 -21.13 -10.33
CA LYS A 244 12.36 -20.66 -9.05
C LYS A 244 13.20 -19.52 -8.49
N GLY A 245 12.51 -18.55 -7.88
CA GLY A 245 13.15 -17.42 -7.27
C GLY A 245 12.57 -17.25 -5.88
N GLU A 246 13.43 -17.23 -4.86
CA GLU A 246 13.01 -17.08 -3.47
C GLU A 246 13.36 -15.71 -2.94
N CYS A 247 12.44 -15.10 -2.20
CA CYS A 247 12.62 -13.75 -1.64
C CYS A 247 12.13 -13.62 -0.20
N LEU A 248 12.40 -12.46 0.36
CA LEU A 248 11.97 -12.14 1.71
C LEU A 248 11.83 -10.63 1.81
N SER A 249 11.20 -10.16 2.88
CA SER A 249 11.03 -8.73 3.07
C SER A 249 11.31 -8.42 4.52
N VAL A 250 11.67 -7.17 4.78
CA VAL A 250 11.96 -6.71 6.13
C VAL A 250 11.39 -5.32 6.30
N TRP A 251 11.38 -4.85 7.53
CA TRP A 251 10.91 -3.51 7.81
C TRP A 251 12.15 -2.66 8.04
N ASN A 252 12.27 -1.58 7.28
CA ASN A 252 13.39 -0.68 7.43
C ASN A 252 12.88 0.55 8.15
N ASP A 253 12.87 0.49 9.48
CA ASP A 253 12.39 1.61 10.29
C ASP A 253 13.50 2.55 10.73
N ASP A 254 14.75 2.17 10.49
CA ASP A 254 15.86 2.99 10.97
C ASP A 254 16.75 3.74 10.00
N ILE A 255 17.19 3.11 8.93
CA ILE A 255 18.08 3.80 8.01
C ILE A 255 17.43 4.27 6.74
N PRO A 256 17.98 5.32 6.14
CA PRO A 256 17.42 5.85 4.89
C PRO A 256 17.86 4.97 3.71
N LEU A 257 16.98 4.83 2.73
CA LEU A 257 17.28 4.07 1.53
C LEU A 257 16.26 4.50 0.48
N THR A 258 16.72 5.20 -0.54
CA THR A 258 15.83 5.68 -1.58
C THR A 258 16.10 4.96 -2.89
N LYS A 259 17.37 4.63 -3.11
CA LYS A 259 17.75 3.94 -4.33
C LYS A 259 17.66 2.44 -4.10
N THR A 260 17.41 1.71 -5.18
CA THR A 260 17.36 0.26 -5.14
C THR A 260 18.84 -0.20 -5.27
N LEU A 261 19.27 -1.14 -4.44
CA LEU A 261 20.64 -1.64 -4.50
C LEU A 261 20.59 -2.93 -5.33
N TYR A 262 21.41 -2.97 -6.38
CA TYR A 262 21.45 -4.12 -7.29
C TYR A 262 22.86 -4.70 -7.51
N HIS A 263 22.95 -6.03 -7.53
CA HIS A 263 24.22 -6.69 -7.76
C HIS A 263 24.06 -8.18 -8.04
N ASP A 264 24.64 -8.60 -9.16
CA ASP A 264 24.60 -9.99 -9.59
C ASP A 264 23.20 -10.58 -9.52
N HIS A 265 22.25 -9.86 -10.14
CA HIS A 265 20.84 -10.27 -10.20
C HIS A 265 20.12 -10.27 -8.85
N CYS A 266 20.82 -9.84 -7.80
CA CYS A 266 20.23 -9.77 -6.48
C CYS A 266 19.91 -8.31 -6.18
N TYR A 267 18.99 -8.09 -5.25
CA TYR A 267 18.55 -6.72 -5.01
C TYR A 267 17.94 -6.41 -3.65
N ILE A 268 17.77 -5.12 -3.42
CA ILE A 268 17.16 -4.60 -2.20
C ILE A 268 16.35 -3.40 -2.66
N VAL A 269 15.04 -3.56 -2.75
CA VAL A 269 14.23 -2.45 -3.20
C VAL A 269 13.39 -1.90 -2.06
N PRO A 270 13.54 -0.59 -1.79
CA PRO A 270 12.80 0.08 -0.72
C PRO A 270 11.39 0.41 -1.19
N ARG A 271 10.38 -0.12 -0.52
CA ARG A 271 9.00 0.15 -0.92
C ARG A 271 8.48 1.34 -0.14
N LYS A 272 7.44 1.99 -0.65
CA LYS A 272 6.88 3.16 0.01
C LYS A 272 6.24 2.84 1.37
N SER A 273 6.10 1.56 1.67
CA SER A 273 5.51 1.12 2.93
C SER A 273 6.52 1.07 4.07
N GLY A 274 7.80 1.13 3.71
CA GLY A 274 8.83 1.06 4.73
C GLY A 274 9.46 -0.31 4.70
N ARG A 275 9.00 -1.15 3.79
CA ARG A 275 9.54 -2.50 3.64
C ARG A 275 10.71 -2.53 2.65
N LEU A 276 11.58 -3.51 2.79
CA LEU A 276 12.66 -3.70 1.85
C LEU A 276 12.34 -5.06 1.24
N VAL A 277 12.26 -5.13 -0.09
CA VAL A 277 11.98 -6.39 -0.75
C VAL A 277 13.37 -6.88 -1.15
N VAL A 278 13.72 -8.08 -0.72
CA VAL A 278 15.06 -8.57 -1.01
C VAL A 278 15.13 -9.82 -1.82
N GLY A 279 16.27 -9.99 -2.49
CA GLY A 279 16.35 -11.24 -3.16
C GLY A 279 16.93 -11.81 -4.39
N ALA A 280 16.21 -12.88 -4.60
CA ALA A 280 16.19 -13.89 -5.62
C ALA A 280 17.31 -14.86 -5.77
N THR A 281 16.91 -16.10 -5.59
CA THR A 281 17.73 -17.25 -5.77
C THR A 281 17.36 -17.63 -7.21
N MET A 282 18.15 -18.48 -7.82
CA MET A 282 17.90 -18.89 -9.19
C MET A 282 17.95 -20.41 -9.17
N LYS A 283 16.78 -21.03 -9.12
CA LYS A 283 16.70 -22.49 -9.07
C LYS A 283 15.96 -23.09 -10.24
N PRO A 284 16.71 -23.45 -11.30
CA PRO A 284 16.13 -24.04 -12.51
C PRO A 284 15.49 -25.41 -12.28
N GLY A 285 14.31 -25.59 -12.87
CA GLY A 285 13.62 -26.87 -12.78
C GLY A 285 12.89 -27.17 -11.49
N ASP A 286 12.80 -26.22 -10.57
CA ASP A 286 12.11 -26.44 -9.31
C ASP A 286 10.71 -25.85 -9.43
N TRP A 287 9.68 -26.70 -9.37
CA TRP A 287 8.32 -26.21 -9.50
C TRP A 287 7.61 -25.85 -8.18
N SER A 288 8.30 -25.99 -7.05
CA SER A 288 7.68 -25.64 -5.77
C SER A 288 7.62 -24.11 -5.63
N GLU A 289 6.53 -23.60 -5.05
CA GLU A 289 6.39 -22.15 -4.92
C GLU A 289 6.53 -21.57 -3.53
N THR A 290 7.14 -22.31 -2.61
CA THR A 290 7.38 -21.80 -1.27
C THR A 290 8.88 -21.95 -1.06
N PRO A 291 9.52 -20.96 -0.43
CA PRO A 291 10.95 -20.96 -0.16
C PRO A 291 11.44 -22.06 0.75
N ASP A 292 12.66 -22.54 0.52
CA ASP A 292 13.21 -23.56 1.39
C ASP A 292 14.29 -22.90 2.26
N LEU A 293 14.67 -23.55 3.34
CA LEU A 293 15.64 -22.98 4.25
C LEU A 293 16.98 -22.56 3.62
N GLY A 294 17.54 -23.43 2.78
CA GLY A 294 18.81 -23.10 2.16
C GLY A 294 18.75 -21.86 1.29
N GLY A 295 17.67 -21.72 0.51
CA GLY A 295 17.52 -20.57 -0.34
C GLY A 295 17.39 -19.26 0.41
N LEU A 296 16.64 -19.25 1.51
CA LEU A 296 16.46 -18.03 2.28
C LEU A 296 17.75 -17.64 2.98
N GLU A 297 18.49 -18.61 3.50
CA GLU A 297 19.76 -18.30 4.16
C GLU A 297 20.65 -17.64 3.13
N SER A 298 20.62 -18.18 1.93
CA SER A 298 21.41 -17.68 0.83
C SER A 298 21.09 -16.21 0.51
N VAL A 299 19.80 -15.90 0.43
CA VAL A 299 19.39 -14.53 0.13
C VAL A 299 19.78 -13.58 1.26
N MET A 300 19.56 -13.99 2.51
CA MET A 300 19.93 -13.14 3.64
C MET A 300 21.43 -12.82 3.56
N LYS A 301 22.25 -13.84 3.35
CA LYS A 301 23.69 -13.67 3.24
C LYS A 301 24.08 -12.65 2.16
N LYS A 302 23.47 -12.77 0.99
CA LYS A 302 23.78 -11.84 -0.09
C LYS A 302 23.43 -10.40 0.30
N ALA A 303 22.18 -10.19 0.70
CA ALA A 303 21.72 -8.86 1.09
C ALA A 303 22.66 -8.17 2.10
N LYS A 304 23.17 -8.93 3.07
CA LYS A 304 24.08 -8.41 4.07
C LYS A 304 25.36 -7.83 3.48
N THR A 305 25.84 -8.42 2.38
CA THR A 305 27.06 -7.93 1.75
C THR A 305 26.76 -6.60 1.06
N MET A 306 25.53 -6.41 0.62
CA MET A 306 25.14 -5.16 -0.05
C MET A 306 24.69 -4.05 0.90
N LEU A 307 24.00 -4.42 1.98
CA LEU A 307 23.48 -3.45 2.94
C LEU A 307 23.61 -4.01 4.35
N PRO A 308 24.82 -3.94 4.94
CA PRO A 308 25.10 -4.46 6.28
C PRO A 308 24.01 -4.31 7.34
N PRO A 309 23.42 -3.10 7.47
CA PRO A 309 22.37 -2.86 8.47
C PRO A 309 21.12 -3.73 8.36
N ILE A 310 20.86 -4.28 7.18
CA ILE A 310 19.68 -5.11 6.96
C ILE A 310 19.67 -6.29 7.94
N GLN A 311 20.85 -6.56 8.49
CA GLN A 311 21.01 -7.65 9.44
C GLN A 311 20.20 -7.46 10.73
N ASN A 312 19.95 -6.20 11.09
CA ASN A 312 19.21 -5.92 12.31
C ASN A 312 17.75 -5.60 12.06
N MET A 313 17.31 -5.74 10.82
CA MET A 313 15.93 -5.43 10.50
C MET A 313 15.02 -6.64 10.77
N LYS A 314 13.78 -6.35 11.16
CA LYS A 314 12.81 -7.39 11.46
C LYS A 314 12.28 -8.03 10.18
N VAL A 315 12.29 -9.36 10.15
CA VAL A 315 11.79 -10.09 9.00
C VAL A 315 10.28 -9.96 8.92
N ASP A 316 9.77 -9.71 7.71
CA ASP A 316 8.35 -9.58 7.47
C ASP A 316 7.78 -10.88 6.90
N ARG A 317 8.02 -11.11 5.61
CA ARG A 317 7.54 -12.30 4.93
C ARG A 317 8.59 -12.93 4.02
N PHE A 318 8.27 -14.14 3.55
CA PHE A 318 9.13 -14.88 2.66
C PHE A 318 8.21 -15.50 1.62
N TRP A 319 8.69 -15.66 0.39
CA TRP A 319 7.85 -16.24 -0.65
C TRP A 319 8.71 -16.64 -1.83
N ALA A 320 8.11 -17.17 -2.87
CA ALA A 320 8.84 -17.58 -4.05
C ALA A 320 7.94 -17.50 -5.27
N GLY A 321 8.54 -17.63 -6.45
CA GLY A 321 7.80 -17.59 -7.69
C GLY A 321 8.56 -18.33 -8.76
N LEU A 322 7.88 -18.73 -9.83
CA LEU A 322 8.51 -19.47 -10.91
C LEU A 322 8.72 -18.60 -12.15
N ARG A 323 9.94 -18.12 -12.37
CA ARG A 323 10.20 -17.32 -13.55
C ARG A 323 9.98 -18.28 -14.73
N PRO A 324 9.26 -17.86 -15.77
CA PRO A 324 9.03 -18.77 -16.91
C PRO A 324 10.22 -18.77 -17.88
N GLY A 325 11.08 -19.78 -17.77
CA GLY A 325 12.25 -19.85 -18.64
C GLY A 325 12.13 -20.57 -19.97
N THR A 326 12.69 -19.98 -21.02
CA THR A 326 12.67 -20.61 -22.33
C THR A 326 14.10 -20.98 -22.66
N LYS A 327 14.28 -21.80 -23.69
CA LYS A 327 15.60 -22.26 -24.10
C LYS A 327 16.63 -21.15 -24.23
N ASP A 328 16.22 -19.97 -24.67
CA ASP A 328 17.16 -18.86 -24.83
C ASP A 328 16.90 -17.70 -23.85
N GLY A 329 16.03 -17.95 -22.87
CA GLY A 329 15.72 -16.92 -21.89
C GLY A 329 15.00 -15.72 -22.45
N LYS A 330 14.34 -15.90 -23.59
CA LYS A 330 13.62 -14.82 -24.24
C LYS A 330 12.17 -15.21 -24.42
N PRO A 331 11.26 -14.23 -24.33
CA PRO A 331 9.83 -14.48 -24.48
C PRO A 331 9.43 -14.89 -25.90
N TYR A 332 8.29 -15.58 -25.99
CA TYR A 332 7.71 -15.99 -27.25
C TYR A 332 6.49 -15.09 -27.37
N ILE A 333 6.60 -14.02 -28.17
CA ILE A 333 5.50 -13.08 -28.35
C ILE A 333 5.12 -12.94 -29.82
N GLY A 334 3.97 -13.49 -30.20
CA GLY A 334 3.54 -13.40 -31.59
C GLY A 334 2.53 -14.45 -32.02
N ARG A 335 2.26 -14.50 -33.33
CA ARG A 335 1.30 -15.44 -33.89
C ARG A 335 1.79 -16.87 -34.04
N HIS A 336 0.84 -17.79 -34.12
CA HIS A 336 1.15 -19.19 -34.32
C HIS A 336 1.64 -19.24 -35.78
N PRO A 337 2.84 -19.80 -36.01
CA PRO A 337 3.40 -19.90 -37.36
C PRO A 337 2.42 -20.34 -38.44
N GLU A 338 1.46 -21.19 -38.07
CA GLU A 338 0.50 -21.69 -39.03
C GLU A 338 -0.95 -21.32 -38.71
N ASP A 339 -1.17 -20.16 -38.12
CA ASP A 339 -2.53 -19.73 -37.76
C ASP A 339 -2.45 -18.39 -37.02
N SER A 340 -2.70 -17.30 -37.74
CA SER A 340 -2.65 -15.97 -37.15
C SER A 340 -3.78 -15.61 -36.20
N ARG A 341 -4.67 -16.57 -35.92
CA ARG A 341 -5.79 -16.35 -35.00
C ARG A 341 -5.29 -16.63 -33.58
N ILE A 342 -4.21 -17.40 -33.49
CA ILE A 342 -3.62 -17.80 -32.22
C ILE A 342 -2.31 -17.07 -31.94
N LEU A 343 -2.22 -16.40 -30.80
CA LEU A 343 -1.00 -15.69 -30.45
C LEU A 343 -0.47 -16.20 -29.11
N PHE A 344 0.81 -15.96 -28.86
CA PHE A 344 1.47 -16.38 -27.62
C PHE A 344 2.16 -15.18 -26.99
N ALA A 345 2.29 -15.20 -25.67
CA ALA A 345 2.94 -14.12 -24.93
C ALA A 345 3.44 -14.70 -23.60
N ALA A 346 4.43 -15.58 -23.69
CA ALA A 346 4.94 -16.23 -22.49
C ALA A 346 6.45 -16.45 -22.48
N GLY A 347 7.01 -16.58 -21.28
CA GLY A 347 8.43 -16.81 -21.16
C GLY A 347 9.25 -15.56 -20.88
N HIS A 348 8.69 -14.61 -20.15
CA HIS A 348 9.42 -13.41 -19.80
C HIS A 348 10.19 -13.79 -18.55
N PHE A 349 11.40 -14.31 -18.73
CA PHE A 349 12.25 -14.76 -17.62
C PHE A 349 12.33 -13.85 -16.38
N ARG A 350 13.08 -12.76 -16.48
CA ARG A 350 13.23 -11.83 -15.36
C ARG A 350 12.62 -10.46 -15.64
N ASN A 351 11.91 -10.30 -16.75
CA ASN A 351 11.36 -8.99 -17.08
C ASN A 351 9.86 -8.90 -17.38
N GLY A 352 9.08 -9.85 -16.87
CA GLY A 352 7.65 -9.83 -17.12
C GLY A 352 6.96 -8.53 -16.74
N ILE A 353 7.32 -7.94 -15.61
CA ILE A 353 6.70 -6.70 -15.17
C ILE A 353 7.06 -5.56 -16.11
N LEU A 354 8.37 -5.35 -16.30
CA LEU A 354 8.87 -4.31 -17.18
C LEU A 354 8.22 -4.37 -18.56
N LEU A 355 8.24 -5.54 -19.17
CA LEU A 355 7.69 -5.74 -20.50
C LEU A 355 6.18 -5.88 -20.62
N ALA A 356 5.47 -5.72 -19.51
CA ALA A 356 4.02 -5.86 -19.52
C ALA A 356 3.34 -4.93 -20.54
N PRO A 357 3.62 -3.62 -20.48
CA PRO A 357 3.01 -2.67 -21.43
C PRO A 357 3.33 -2.94 -22.90
N ALA A 358 4.61 -3.14 -23.20
CA ALA A 358 5.04 -3.40 -24.59
C ALA A 358 4.50 -4.72 -25.13
N THR A 359 4.46 -5.73 -24.28
CA THR A 359 3.95 -7.05 -24.68
C THR A 359 2.44 -6.95 -24.95
N GLY A 360 1.73 -6.21 -24.11
CA GLY A 360 0.30 -6.07 -24.28
C GLY A 360 -0.07 -5.27 -25.51
N ALA A 361 0.69 -4.21 -25.77
CA ALA A 361 0.45 -3.37 -26.93
C ALA A 361 0.77 -4.16 -28.20
N LEU A 362 1.84 -4.95 -28.15
CA LEU A 362 2.24 -5.73 -29.30
C LEU A 362 1.18 -6.76 -29.68
N ILE A 363 0.74 -7.54 -28.71
CA ILE A 363 -0.28 -8.56 -28.97
C ILE A 363 -1.59 -7.91 -29.42
N SER A 364 -1.98 -6.81 -28.76
CA SER A 364 -3.21 -6.13 -29.11
C SER A 364 -3.14 -5.62 -30.54
N ASP A 365 -2.05 -4.94 -30.90
CA ASP A 365 -1.89 -4.41 -32.25
C ASP A 365 -1.88 -5.50 -33.31
N LEU A 366 -1.27 -6.64 -33.01
CA LEU A 366 -1.22 -7.75 -33.96
C LEU A 366 -2.64 -8.24 -34.22
N ILE A 367 -3.42 -8.35 -33.15
CA ILE A 367 -4.80 -8.80 -33.27
C ILE A 367 -5.61 -7.79 -34.04
N MET A 368 -5.29 -6.50 -33.87
CA MET A 368 -5.98 -5.44 -34.60
C MET A 368 -5.37 -5.37 -35.99
N ASN A 369 -4.40 -6.26 -36.24
CA ASN A 369 -3.71 -6.31 -37.53
C ASN A 369 -3.16 -4.96 -37.96
N LYS A 370 -2.48 -4.28 -37.04
CA LYS A 370 -1.90 -2.97 -37.32
C LYS A 370 -0.46 -3.12 -37.76
N GLU A 371 0.23 -2.00 -37.92
CA GLU A 371 1.63 -1.98 -38.32
C GLU A 371 2.47 -2.26 -37.07
N VAL A 372 3.49 -3.10 -37.20
CA VAL A 372 4.32 -3.41 -36.04
C VAL A 372 5.81 -3.55 -36.38
N ASN A 373 6.65 -3.05 -35.47
CA ASN A 373 8.10 -3.12 -35.62
C ASN A 373 8.49 -4.55 -35.97
N GLN A 374 8.94 -4.76 -37.20
CA GLN A 374 9.34 -6.08 -37.67
C GLN A 374 10.53 -6.67 -36.94
N ASP A 375 11.37 -5.81 -36.37
CA ASP A 375 12.54 -6.28 -35.66
C ASP A 375 12.15 -6.99 -34.38
N TRP A 376 11.22 -6.39 -33.63
CA TRP A 376 10.76 -7.00 -32.40
C TRP A 376 9.98 -8.25 -32.72
N LEU A 377 9.09 -8.14 -33.71
CA LEU A 377 8.26 -9.27 -34.12
C LEU A 377 9.14 -10.48 -34.49
N HIS A 378 10.34 -10.20 -34.99
CA HIS A 378 11.23 -11.28 -35.38
C HIS A 378 12.08 -11.72 -34.20
N ALA A 379 12.29 -10.81 -33.26
CA ALA A 379 13.10 -11.11 -32.09
C ALA A 379 12.35 -12.08 -31.17
N PHE A 380 11.02 -11.99 -31.17
CA PHE A 380 10.21 -12.85 -30.32
C PHE A 380 9.47 -13.95 -31.07
N ARG A 381 9.84 -14.19 -32.32
CA ARG A 381 9.22 -15.22 -33.15
C ARG A 381 8.94 -16.46 -32.30
N ILE A 382 7.87 -17.18 -32.62
CA ILE A 382 7.54 -18.39 -31.89
C ILE A 382 8.48 -19.54 -32.28
N ASP A 383 8.87 -19.60 -33.54
CA ASP A 383 9.78 -20.65 -34.00
C ASP A 383 11.19 -20.16 -34.25
N ARG A 384 11.97 -20.02 -33.18
CA ARG A 384 13.34 -19.56 -33.27
C ARG A 384 14.30 -20.74 -33.45
N LYS A 385 14.81 -20.88 -34.67
CA LYS A 385 15.72 -21.95 -35.05
C LYS A 385 15.65 -23.16 -34.13
N MET B 22 20.63 5.13 24.54
CA MET B 22 19.56 5.95 25.16
C MET B 22 20.13 6.98 26.13
N LYS B 23 20.06 8.25 25.78
CA LYS B 23 20.56 9.31 26.64
C LYS B 23 19.92 9.23 28.03
N ARG B 24 20.34 10.11 28.92
CA ARG B 24 19.80 10.11 30.28
C ARG B 24 18.98 11.35 30.57
N HIS B 25 19.04 12.33 29.67
CA HIS B 25 18.26 13.55 29.83
C HIS B 25 17.80 14.09 28.48
N TYR B 26 16.54 14.53 28.44
CA TYR B 26 15.92 15.08 27.25
C TYR B 26 15.07 16.28 27.67
N GLU B 27 14.96 17.27 26.79
CA GLU B 27 14.16 18.46 27.06
C GLU B 27 12.67 18.10 27.13
N ALA B 28 12.31 17.00 26.47
CA ALA B 28 10.93 16.54 26.45
C ALA B 28 10.85 15.06 26.10
N VAL B 29 9.99 14.36 26.82
CA VAL B 29 9.79 12.93 26.62
C VAL B 29 8.31 12.62 26.36
N VAL B 30 8.06 11.85 25.31
CA VAL B 30 6.71 11.46 24.95
C VAL B 30 6.43 10.00 25.31
N ILE B 31 5.46 9.78 26.19
CA ILE B 31 5.07 8.45 26.62
C ILE B 31 3.91 7.89 25.78
N GLY B 32 4.23 7.20 24.69
CA GLY B 32 3.19 6.64 23.84
C GLY B 32 3.57 6.74 22.36
N GLY B 33 3.61 5.60 21.70
CA GLY B 33 3.97 5.58 20.30
C GLY B 33 2.83 5.43 19.32
N GLY B 34 1.62 5.76 19.75
CA GLY B 34 0.49 5.67 18.84
C GLY B 34 0.56 6.84 17.90
N ILE B 35 -0.51 7.15 17.18
CA ILE B 35 -0.46 8.26 16.25
C ILE B 35 -0.40 9.61 16.97
N ILE B 36 -0.95 9.68 18.17
CA ILE B 36 -0.94 10.93 18.94
C ILE B 36 0.49 11.24 19.40
N GLY B 37 1.08 10.35 20.18
CA GLY B 37 2.43 10.57 20.65
C GLY B 37 3.40 10.68 19.49
N SER B 38 3.15 9.89 18.46
CA SER B 38 4.00 9.88 17.28
C SER B 38 3.97 11.23 16.56
N ALA B 39 2.81 11.90 16.62
CA ALA B 39 2.67 13.20 15.96
C ALA B 39 3.29 14.29 16.85
N ILE B 40 3.12 14.15 18.16
CA ILE B 40 3.67 15.10 19.09
C ILE B 40 5.20 15.12 18.99
N ALA B 41 5.78 13.92 18.92
CA ALA B 41 7.22 13.79 18.79
C ALA B 41 7.71 14.48 17.53
N TYR B 42 6.92 14.41 16.47
CA TYR B 42 7.31 15.04 15.21
C TYR B 42 7.36 16.56 15.32
N TYR B 43 6.29 17.16 15.83
CA TYR B 43 6.23 18.60 15.96
C TYR B 43 7.26 19.17 16.93
N LEU B 44 7.63 18.40 17.94
CA LEU B 44 8.62 18.86 18.90
C LEU B 44 10.00 18.88 18.25
N ALA B 45 10.30 17.83 17.49
CA ALA B 45 11.58 17.70 16.81
C ALA B 45 11.65 18.73 15.69
N LYS B 46 10.51 19.27 15.33
CA LYS B 46 10.44 20.27 14.27
C LYS B 46 10.86 21.58 14.92
N GLU B 47 10.50 21.74 16.20
CA GLU B 47 10.85 22.92 16.97
C GLU B 47 12.30 22.76 17.43
N ASN B 48 12.94 21.72 16.90
CA ASN B 48 14.32 21.38 17.22
C ASN B 48 14.51 21.09 18.70
N LYS B 49 13.40 20.79 19.38
CA LYS B 49 13.42 20.49 20.79
C LYS B 49 13.90 19.05 20.96
N ASN B 50 15.09 18.88 21.52
CA ASN B 50 15.65 17.54 21.74
C ASN B 50 14.63 16.73 22.53
N THR B 51 13.95 15.80 21.86
CA THR B 51 12.94 14.99 22.52
C THR B 51 13.06 13.50 22.21
N ALA B 52 12.54 12.67 23.11
CA ALA B 52 12.57 11.22 22.94
C ALA B 52 11.17 10.66 23.18
N LEU B 53 10.90 9.48 22.63
CA LEU B 53 9.60 8.85 22.78
C LEU B 53 9.72 7.39 23.23
N PHE B 54 8.91 7.00 24.19
CA PHE B 54 8.92 5.64 24.72
C PHE B 54 7.62 4.91 24.43
N GLU B 55 7.70 3.85 23.63
CA GLU B 55 6.55 3.03 23.25
C GLU B 55 6.71 1.62 23.83
N SER B 56 5.77 1.19 24.67
CA SER B 56 5.86 -0.14 25.27
C SER B 56 6.04 -1.27 24.25
N GLY B 57 5.45 -1.11 23.07
CA GLY B 57 5.57 -2.12 22.02
C GLY B 57 6.17 -1.54 20.75
N THR B 58 5.47 -1.72 19.63
CA THR B 58 5.93 -1.19 18.34
C THR B 58 5.09 0.03 17.99
N MET B 59 5.66 0.96 17.23
CA MET B 59 4.96 2.17 16.84
C MET B 59 3.64 1.92 16.12
N GLY B 60 2.61 2.70 16.52
CA GLY B 60 1.28 2.57 15.94
C GLY B 60 0.76 1.16 15.97
N GLY B 61 1.28 0.36 16.90
CA GLY B 61 0.88 -1.03 17.02
C GLY B 61 -0.44 -1.36 17.68
N ARG B 62 -1.05 -0.40 18.39
CA ARG B 62 -2.33 -0.70 19.05
C ARG B 62 -3.54 -0.14 18.33
N THR B 63 -4.34 0.66 19.03
CA THR B 63 -5.56 1.22 18.43
C THR B 63 -5.33 1.92 17.10
N THR B 64 -4.24 2.68 17.02
CA THR B 64 -3.93 3.39 15.80
C THR B 64 -3.98 2.51 14.57
N SER B 65 -3.47 1.29 14.64
CA SER B 65 -3.47 0.44 13.46
C SER B 65 -4.77 -0.34 13.24
N ALA B 66 -5.78 -0.05 14.04
CA ALA B 66 -7.07 -0.70 13.90
C ALA B 66 -8.04 0.29 13.22
N ALA B 67 -7.67 1.56 13.20
CA ALA B 67 -8.51 2.61 12.64
C ALA B 67 -8.68 2.59 11.13
N ALA B 68 -9.86 3.06 10.70
CA ALA B 68 -10.21 3.12 9.30
C ALA B 68 -9.38 4.22 8.63
N GLY B 69 -9.22 5.35 9.30
CA GLY B 69 -8.44 6.45 8.75
C GLY B 69 -9.25 7.57 8.14
N MET B 70 -10.52 7.66 8.53
CA MET B 70 -11.40 8.71 8.04
C MET B 70 -11.12 10.04 8.75
N LEU B 71 -11.02 11.12 7.99
CA LEU B 71 -10.83 12.44 8.57
C LEU B 71 -12.26 12.95 8.73
N GLY B 72 -13.03 12.25 9.57
CA GLY B 72 -14.42 12.58 9.78
C GLY B 72 -14.77 13.69 10.74
N ALA B 73 -14.48 14.93 10.35
CA ALA B 73 -14.80 16.08 11.20
C ALA B 73 -16.31 16.31 11.17
N HIS B 74 -16.91 16.07 10.01
CA HIS B 74 -18.36 16.26 9.80
C HIS B 74 -19.17 15.05 10.24
N ALA B 75 -18.80 13.88 9.73
CA ALA B 75 -19.50 12.64 10.02
C ALA B 75 -19.65 12.33 11.52
N GLU B 76 -18.68 12.78 12.32
CA GLU B 76 -18.72 12.53 13.76
C GLU B 76 -19.20 13.76 14.51
N CYS B 77 -19.77 14.71 13.78
CA CYS B 77 -20.28 15.95 14.36
C CYS B 77 -21.64 15.75 15.05
N GLU B 78 -21.74 16.23 16.28
CA GLU B 78 -22.98 16.13 17.04
C GLU B 78 -23.58 17.53 17.13
N GLU B 79 -22.84 18.42 17.79
CA GLU B 79 -23.23 19.81 17.98
C GLU B 79 -22.20 20.70 17.30
N ARG B 80 -22.31 22.01 17.50
CA ARG B 80 -21.37 22.92 16.86
C ARG B 80 -20.44 23.62 17.85
N ASP B 81 -20.06 22.89 18.89
CA ASP B 81 -19.15 23.40 19.92
C ASP B 81 -17.74 23.66 19.41
N ALA B 82 -16.80 23.82 20.33
CA ALA B 82 -15.40 24.07 20.00
C ALA B 82 -14.72 22.78 19.51
N PHE B 83 -15.19 21.64 20.01
CA PHE B 83 -14.65 20.36 19.62
C PHE B 83 -14.66 20.29 18.10
N PHE B 84 -15.82 20.59 17.51
CA PHE B 84 -15.98 20.58 16.06
C PHE B 84 -15.03 21.53 15.34
N ASP B 85 -14.71 22.65 15.97
CA ASP B 85 -13.81 23.62 15.33
C ASP B 85 -12.39 23.10 15.37
N PHE B 86 -12.03 22.46 16.47
CA PHE B 86 -10.70 21.90 16.60
C PHE B 86 -10.56 20.84 15.49
N ALA B 87 -11.61 20.03 15.32
CA ALA B 87 -11.63 18.98 14.30
C ALA B 87 -11.49 19.57 12.89
N MET B 88 -12.27 20.59 12.59
CA MET B 88 -12.21 21.23 11.28
C MET B 88 -10.82 21.80 11.07
N HIS B 89 -10.26 22.36 12.13
CA HIS B 89 -8.91 22.91 12.08
C HIS B 89 -7.94 21.78 11.75
N SER B 90 -8.03 20.70 12.53
CA SER B 90 -7.16 19.55 12.32
C SER B 90 -7.29 19.00 10.91
N GLN B 91 -8.51 19.04 10.36
CA GLN B 91 -8.74 18.54 9.02
C GLN B 91 -7.96 19.38 8.01
N ARG B 92 -7.90 20.68 8.24
CA ARG B 92 -7.16 21.58 7.36
C ARG B 92 -5.67 21.22 7.43
N LEU B 93 -5.21 20.95 8.64
CA LEU B 93 -3.82 20.59 8.84
C LEU B 93 -3.40 19.43 7.95
N TYR B 94 -4.34 18.57 7.60
CA TYR B 94 -4.00 17.43 6.75
C TYR B 94 -3.65 17.82 5.32
N LYS B 95 -3.93 19.08 4.99
CA LYS B 95 -3.60 19.59 3.65
C LYS B 95 -2.09 19.55 3.45
N GLY B 96 -1.66 18.81 2.43
CA GLY B 96 -0.24 18.70 2.12
C GLY B 96 0.61 17.92 3.11
N LEU B 97 0.07 17.65 4.29
CA LEU B 97 0.82 16.92 5.30
C LEU B 97 1.44 15.62 4.78
N GLY B 98 0.73 14.92 3.91
CA GLY B 98 1.24 13.68 3.37
C GLY B 98 2.54 13.89 2.62
N GLU B 99 2.62 15.00 1.89
CA GLU B 99 3.81 15.32 1.13
C GLU B 99 4.95 15.68 2.09
N GLU B 100 4.64 16.53 3.07
CA GLU B 100 5.61 16.94 4.06
C GLU B 100 6.31 15.71 4.67
N LEU B 101 5.52 14.85 5.31
CA LEU B 101 6.07 13.65 5.97
C LEU B 101 6.75 12.66 5.01
N TYR B 102 6.25 12.55 3.79
CA TYR B 102 6.85 11.63 2.81
C TYR B 102 8.28 12.01 2.47
N ALA B 103 8.48 13.28 2.12
CA ALA B 103 9.80 13.80 1.76
C ALA B 103 10.82 13.59 2.87
N LEU B 104 10.33 13.22 4.05
CA LEU B 104 11.20 13.00 5.20
C LEU B 104 11.25 11.54 5.64
N SER B 105 10.34 10.72 5.14
CA SER B 105 10.29 9.33 5.58
C SER B 105 10.36 8.27 4.49
N GLY B 106 9.81 8.59 3.32
CA GLY B 106 9.78 7.63 2.25
C GLY B 106 8.53 6.79 2.44
N VAL B 107 7.77 7.10 3.49
CA VAL B 107 6.53 6.38 3.78
C VAL B 107 5.30 7.15 3.32
N ASP B 108 4.53 6.53 2.41
CA ASP B 108 3.31 7.12 1.86
C ASP B 108 2.14 6.90 2.83
N ILE B 109 1.44 7.96 3.22
CA ILE B 109 0.31 7.82 4.13
C ILE B 109 -0.93 7.26 3.44
N ARG B 110 -0.86 7.15 2.11
CA ARG B 110 -1.96 6.61 1.29
C ARG B 110 -3.27 7.38 1.46
N GLN B 111 -3.30 8.61 0.97
CA GLN B 111 -4.51 9.43 1.08
C GLN B 111 -5.45 9.19 -0.10
N HIS B 112 -6.75 9.15 0.20
CA HIS B 112 -7.79 8.90 -0.81
C HIS B 112 -8.78 10.05 -0.72
N ASN B 113 -8.85 10.87 -1.77
CA ASN B 113 -9.74 12.03 -1.76
C ASN B 113 -11.15 11.84 -2.36
N GLY B 114 -11.65 10.62 -2.37
CA GLY B 114 -12.97 10.39 -2.92
C GLY B 114 -14.10 11.13 -2.21
N GLY B 115 -13.96 11.30 -0.90
CA GLY B 115 -15.02 11.95 -0.17
C GLY B 115 -15.94 10.96 0.50
N MET B 116 -16.98 11.47 1.14
CA MET B 116 -17.88 10.60 1.85
C MET B 116 -19.35 10.85 1.56
N PHE B 117 -20.11 9.77 1.57
CA PHE B 117 -21.55 9.82 1.37
C PHE B 117 -22.14 9.37 2.71
N LYS B 118 -22.62 10.29 3.52
CA LYS B 118 -23.23 9.88 4.76
C LYS B 118 -24.68 9.60 4.37
N LEU B 119 -25.01 8.31 4.33
CA LEU B 119 -26.32 7.86 3.90
C LEU B 119 -27.46 8.10 4.89
N ALA B 120 -28.67 8.18 4.33
CA ALA B 120 -29.89 8.37 5.11
C ALA B 120 -30.85 7.24 4.73
N PHE B 121 -31.39 6.56 5.74
CA PHE B 121 -32.34 5.48 5.49
C PHE B 121 -33.71 5.79 6.09
N SER B 122 -33.81 6.93 6.76
CA SER B 122 -35.07 7.34 7.39
C SER B 122 -35.18 8.86 7.35
N GLU B 123 -36.35 9.38 7.75
CA GLU B 123 -36.56 10.82 7.79
C GLU B 123 -35.68 11.42 8.87
N GLU B 124 -35.54 10.70 9.97
CA GLU B 124 -34.69 11.17 11.08
C GLU B 124 -33.25 11.29 10.60
N ASP B 125 -32.81 10.36 9.74
CA ASP B 125 -31.46 10.45 9.23
C ASP B 125 -31.35 11.73 8.41
N VAL B 126 -32.35 12.01 7.58
CA VAL B 126 -32.33 13.21 6.75
C VAL B 126 -32.30 14.49 7.59
N LEU B 127 -33.14 14.53 8.63
CA LEU B 127 -33.17 15.70 9.48
C LEU B 127 -31.81 15.94 10.11
N GLN B 128 -31.17 14.87 10.54
CA GLN B 128 -29.87 15.00 11.16
C GLN B 128 -28.79 15.44 10.18
N LEU B 129 -28.81 14.88 8.98
CA LEU B 129 -27.80 15.23 7.97
C LEU B 129 -27.95 16.63 7.40
N ARG B 130 -29.19 17.10 7.28
CA ARG B 130 -29.43 18.42 6.72
C ARG B 130 -29.05 19.57 7.64
N GLN B 131 -28.61 19.26 8.85
CA GLN B 131 -28.21 20.33 9.76
C GLN B 131 -26.88 20.94 9.35
N MET B 132 -26.22 20.32 8.36
CA MET B 132 -24.93 20.80 7.87
C MET B 132 -25.08 21.68 6.63
N ASP B 133 -26.32 21.93 6.24
CA ASP B 133 -26.60 22.75 5.05
C ASP B 133 -25.82 24.05 5.05
N ASP B 134 -25.61 24.61 6.24
CA ASP B 134 -24.88 25.87 6.37
C ASP B 134 -23.36 25.75 6.27
N LEU B 135 -22.86 24.65 5.73
CA LEU B 135 -21.42 24.46 5.61
C LEU B 135 -20.96 24.23 4.17
N ASP B 136 -19.73 24.64 3.87
CA ASP B 136 -19.20 24.46 2.53
C ASP B 136 -18.71 23.03 2.35
N SER B 137 -18.65 22.61 1.09
CA SER B 137 -18.20 21.27 0.77
C SER B 137 -19.05 20.19 1.44
N VAL B 138 -20.29 20.56 1.75
CA VAL B 138 -21.25 19.63 2.33
C VAL B 138 -22.54 19.87 1.57
N SER B 139 -22.88 18.96 0.68
CA SER B 139 -24.09 19.12 -0.11
C SER B 139 -24.99 17.90 0.00
N TRP B 140 -26.29 18.12 -0.14
CA TRP B 140 -27.27 17.04 -0.06
C TRP B 140 -27.49 16.41 -1.42
N TYR B 141 -27.58 15.08 -1.43
CA TYR B 141 -27.80 14.33 -2.66
C TYR B 141 -29.07 13.52 -2.54
N SER B 142 -29.89 13.57 -3.58
CA SER B 142 -31.13 12.80 -3.58
C SER B 142 -30.74 11.36 -3.89
N LYS B 143 -31.62 10.42 -3.55
CA LYS B 143 -31.36 9.02 -3.81
C LYS B 143 -30.82 8.80 -5.22
N GLU B 144 -31.47 9.40 -6.20
CA GLU B 144 -31.06 9.25 -7.59
C GLU B 144 -29.69 9.88 -7.86
N GLU B 145 -29.41 11.00 -7.22
CA GLU B 145 -28.10 11.64 -7.43
C GLU B 145 -26.98 10.77 -6.88
N VAL B 146 -27.24 10.08 -5.77
CA VAL B 146 -26.23 9.20 -5.18
C VAL B 146 -26.03 7.99 -6.08
N LEU B 147 -27.13 7.28 -6.39
CA LEU B 147 -27.04 6.09 -7.22
C LEU B 147 -26.43 6.36 -8.58
N GLU B 148 -26.35 7.63 -8.94
CA GLU B 148 -25.76 7.98 -10.22
C GLU B 148 -24.24 8.01 -10.05
N LYS B 149 -23.77 8.35 -8.85
CA LYS B 149 -22.35 8.39 -8.55
C LYS B 149 -21.86 7.04 -8.03
N GLU B 150 -22.69 6.41 -7.19
CA GLU B 150 -22.39 5.11 -6.63
C GLU B 150 -23.59 4.18 -6.86
N PRO B 151 -23.70 3.64 -8.08
CA PRO B 151 -24.76 2.74 -8.53
C PRO B 151 -25.08 1.56 -7.63
N TYR B 152 -24.10 1.10 -6.86
CA TYR B 152 -24.33 -0.06 -6.00
C TYR B 152 -24.71 0.21 -4.56
N ALA B 153 -24.81 1.48 -4.18
CA ALA B 153 -25.21 1.80 -2.83
C ALA B 153 -26.64 1.31 -2.70
N SER B 154 -27.06 0.92 -1.50
CA SER B 154 -28.42 0.43 -1.29
C SER B 154 -29.47 1.34 -1.93
N GLY B 155 -30.50 0.73 -2.50
CA GLY B 155 -31.56 1.51 -3.11
C GLY B 155 -32.63 1.94 -2.12
N ASP B 156 -32.43 1.60 -0.84
CA ASP B 156 -33.40 1.98 0.19
C ASP B 156 -33.08 3.33 0.77
N ILE B 157 -32.10 4.01 0.21
CA ILE B 157 -31.71 5.30 0.74
C ILE B 157 -32.62 6.46 0.37
N PHE B 158 -32.73 7.40 1.31
CA PHE B 158 -33.52 8.60 1.12
C PHE B 158 -32.57 9.63 0.53
N GLY B 159 -31.34 9.19 0.29
CA GLY B 159 -30.33 10.07 -0.24
C GLY B 159 -29.15 10.13 0.71
N ALA B 160 -28.20 11.03 0.44
CA ALA B 160 -27.05 11.14 1.30
C ALA B 160 -26.45 12.53 1.29
N SER B 161 -25.65 12.79 2.32
CA SER B 161 -24.96 14.05 2.45
C SER B 161 -23.53 13.76 1.96
N PHE B 162 -23.07 14.50 0.95
CA PHE B 162 -21.72 14.29 0.42
C PHE B 162 -20.74 15.23 1.09
N ILE B 163 -19.83 14.66 1.87
CA ILE B 163 -18.82 15.44 2.57
C ILE B 163 -17.51 15.26 1.83
N GLN B 164 -17.22 16.24 0.99
CA GLN B 164 -16.02 16.23 0.16
C GLN B 164 -14.70 16.15 0.91
N ASP B 165 -14.62 16.82 2.06
CA ASP B 165 -13.41 16.85 2.85
C ASP B 165 -13.15 15.66 3.76
N ASP B 166 -14.20 14.97 4.17
CA ASP B 166 -14.03 13.80 5.03
C ASP B 166 -13.45 12.63 4.23
N VAL B 167 -12.21 12.80 3.77
CA VAL B 167 -11.50 11.79 3.01
C VAL B 167 -10.83 10.80 3.97
N HIS B 168 -9.95 9.95 3.47
CA HIS B 168 -9.27 9.00 4.35
C HIS B 168 -7.81 8.71 4.04
N VAL B 169 -7.14 8.18 5.05
CA VAL B 169 -5.72 7.83 4.99
C VAL B 169 -5.52 6.51 5.72
N GLU B 170 -4.36 5.87 5.55
CA GLU B 170 -4.09 4.63 6.26
C GLU B 170 -3.33 5.07 7.51
N PRO B 171 -3.98 4.97 8.69
CA PRO B 171 -3.42 5.36 9.98
C PRO B 171 -2.03 4.78 10.29
N TYR B 172 -1.85 3.48 10.09
CA TYR B 172 -0.57 2.85 10.38
C TYR B 172 0.58 3.55 9.67
N PHE B 173 0.35 3.96 8.42
CA PHE B 173 1.39 4.63 7.67
C PHE B 173 1.48 6.11 7.97
N VAL B 174 0.41 6.69 8.50
CA VAL B 174 0.46 8.11 8.86
C VAL B 174 1.35 8.17 10.09
N CYS B 175 1.21 7.17 10.95
CA CYS B 175 1.99 7.06 12.17
C CYS B 175 3.46 6.79 11.82
N LYS B 176 3.71 5.73 11.06
CA LYS B 176 5.07 5.39 10.65
C LYS B 176 5.74 6.57 9.94
N ALA B 177 4.96 7.32 9.16
CA ALA B 177 5.51 8.48 8.46
C ALA B 177 5.99 9.52 9.46
N TYR B 178 5.15 9.86 10.42
CA TYR B 178 5.49 10.84 11.46
C TYR B 178 6.76 10.43 12.22
N VAL B 179 6.80 9.17 12.68
CA VAL B 179 7.92 8.64 13.43
C VAL B 179 9.20 8.66 12.63
N LYS B 180 9.16 8.10 11.42
CA LYS B 180 10.33 8.04 10.55
C LYS B 180 10.82 9.46 10.28
N ALA B 181 9.89 10.40 10.18
CA ALA B 181 10.23 11.80 9.91
C ALA B 181 10.83 12.46 11.15
N ALA B 182 10.31 12.12 12.32
CA ALA B 182 10.80 12.70 13.58
C ALA B 182 12.25 12.26 13.83
N LYS B 183 12.57 11.02 13.46
CA LYS B 183 13.91 10.50 13.63
C LYS B 183 14.87 11.34 12.81
N MET B 184 14.54 11.54 11.54
CA MET B 184 15.38 12.32 10.64
C MET B 184 15.39 13.80 11.10
N LEU B 185 14.95 14.05 12.31
CA LEU B 185 14.93 15.40 12.86
C LEU B 185 15.50 15.44 14.28
N GLY B 186 16.02 14.30 14.72
CA GLY B 186 16.61 14.25 16.05
C GLY B 186 15.91 13.33 17.02
N ALA B 187 14.58 13.37 17.05
CA ALA B 187 13.80 12.54 17.95
C ALA B 187 14.42 11.16 18.13
N GLU B 188 14.47 10.69 19.38
CA GLU B 188 15.01 9.39 19.65
C GLU B 188 13.81 8.52 20.05
N ILE B 189 13.57 7.47 19.28
CA ILE B 189 12.43 6.60 19.52
C ILE B 189 12.82 5.24 20.09
N PHE B 190 12.20 4.87 21.21
CA PHE B 190 12.49 3.60 21.86
C PHE B 190 11.27 2.70 21.96
N GLU B 191 11.31 1.60 21.22
CA GLU B 191 10.21 0.64 21.23
C GLU B 191 10.50 -0.42 22.28
N HIS B 192 9.46 -1.13 22.70
CA HIS B 192 9.60 -2.19 23.70
C HIS B 192 10.14 -1.59 24.99
N THR B 193 9.94 -0.28 25.16
CA THR B 193 10.38 0.44 26.34
C THR B 193 9.20 1.03 27.12
N PRO B 194 8.53 0.20 27.93
CA PRO B 194 7.39 0.63 28.73
C PRO B 194 7.79 1.61 29.83
N VAL B 195 7.06 2.71 29.95
CA VAL B 195 7.36 3.67 31.02
C VAL B 195 6.57 3.14 32.20
N LEU B 196 7.24 2.93 33.32
CA LEU B 196 6.57 2.39 34.49
C LEU B 196 6.10 3.45 35.47
N HIS B 197 6.81 4.57 35.54
CA HIS B 197 6.43 5.60 36.49
C HIS B 197 6.95 6.98 36.12
N VAL B 198 6.26 8.01 36.60
CA VAL B 198 6.65 9.39 36.36
C VAL B 198 6.79 10.10 37.71
N GLU B 199 8.00 10.59 37.98
CA GLU B 199 8.30 11.28 39.24
C GLU B 199 8.45 12.77 38.97
N ARG B 200 7.49 13.57 39.45
CA ARG B 200 7.58 15.01 39.24
C ARG B 200 8.27 15.67 40.43
N ASP B 201 9.10 14.90 41.12
CA ASP B 201 9.82 15.39 42.27
C ASP B 201 11.13 16.00 41.77
N GLY B 202 11.89 16.61 42.69
CA GLY B 202 13.14 17.23 42.28
C GLY B 202 12.84 18.52 41.54
N GLU B 203 13.64 18.84 40.54
CA GLU B 203 13.45 20.07 39.77
C GLU B 203 13.09 19.74 38.33
N ALA B 204 13.30 18.48 37.97
CA ALA B 204 12.98 18.02 36.63
C ALA B 204 12.17 16.74 36.77
N LEU B 205 11.45 16.37 35.72
CA LEU B 205 10.65 15.16 35.76
C LEU B 205 11.57 13.94 35.68
N PHE B 206 11.08 12.81 36.16
CA PHE B 206 11.86 11.59 36.16
C PHE B 206 10.99 10.40 35.78
N ILE B 207 11.32 9.74 34.67
CA ILE B 207 10.54 8.57 34.23
C ILE B 207 11.38 7.29 34.35
N LYS B 208 10.72 6.20 34.74
CA LYS B 208 11.41 4.93 34.90
C LYS B 208 10.93 3.84 33.94
N THR B 209 11.87 3.16 33.30
CA THR B 209 11.57 2.09 32.36
C THR B 209 12.42 0.87 32.71
N PRO B 210 12.00 -0.34 32.27
CA PRO B 210 12.79 -1.53 32.58
C PRO B 210 14.17 -1.45 31.92
N SER B 211 14.32 -0.51 31.00
CA SER B 211 15.58 -0.33 30.27
C SER B 211 16.38 0.84 30.83
N GLY B 212 15.88 1.47 31.88
CA GLY B 212 16.60 2.59 32.46
C GLY B 212 15.71 3.75 32.88
N ASP B 213 16.32 4.75 33.50
CA ASP B 213 15.60 5.92 33.96
C ASP B 213 16.09 7.18 33.28
N VAL B 214 15.17 8.03 32.87
CA VAL B 214 15.52 9.26 32.17
C VAL B 214 14.98 10.52 32.83
N TRP B 215 15.66 11.64 32.57
CA TRP B 215 15.27 12.94 33.10
C TRP B 215 14.76 13.81 31.96
N ALA B 216 13.81 14.70 32.27
CA ALA B 216 13.26 15.57 31.25
C ALA B 216 12.75 16.87 31.84
N ASN B 217 12.51 17.84 30.97
CA ASN B 217 11.99 19.14 31.37
C ASN B 217 10.49 19.15 31.13
N HIS B 218 10.04 18.22 30.28
CA HIS B 218 8.63 18.10 29.92
C HIS B 218 8.27 16.64 29.66
N VAL B 219 7.09 16.25 30.13
CA VAL B 219 6.60 14.88 29.93
C VAL B 219 5.21 14.94 29.34
N VAL B 220 5.00 14.23 28.22
CA VAL B 220 3.70 14.19 27.57
C VAL B 220 3.13 12.78 27.59
N VAL B 221 1.96 12.63 28.23
CA VAL B 221 1.30 11.33 28.29
C VAL B 221 0.44 11.15 27.04
N ALA B 222 0.80 10.17 26.21
CA ALA B 222 0.06 9.89 24.99
C ALA B 222 -0.05 8.38 24.87
N SER B 223 -0.52 7.74 25.95
CA SER B 223 -0.65 6.30 26.00
C SER B 223 -2.04 5.79 25.68
N GLY B 224 -2.80 6.59 24.94
CA GLY B 224 -4.15 6.21 24.58
C GLY B 224 -4.99 5.78 25.75
N VAL B 225 -5.80 4.75 25.54
CA VAL B 225 -6.71 4.23 26.54
C VAL B 225 -5.99 3.76 27.80
N TRP B 226 -4.67 3.63 27.74
CA TRP B 226 -3.91 3.17 28.89
C TRP B 226 -3.40 4.31 29.76
N SER B 227 -3.67 5.54 29.35
CA SER B 227 -3.21 6.73 30.05
C SER B 227 -3.64 6.90 31.50
N GLY B 228 -4.76 6.28 31.87
CA GLY B 228 -5.25 6.40 33.23
C GLY B 228 -4.17 6.24 34.28
N MET B 229 -3.39 5.16 34.14
CA MET B 229 -2.30 4.86 35.08
C MET B 229 -1.46 6.09 35.41
N PHE B 230 -1.09 6.87 34.41
CA PHE B 230 -0.27 8.05 34.63
C PHE B 230 -1.03 9.18 35.31
N PHE B 231 -2.27 9.40 34.93
CA PHE B 231 -3.06 10.45 35.56
C PHE B 231 -3.07 10.15 37.06
N LYS B 232 -3.44 8.92 37.41
CA LYS B 232 -3.49 8.49 38.81
C LYS B 232 -2.16 8.78 39.47
N GLN B 233 -1.08 8.29 38.86
CA GLN B 233 0.26 8.51 39.39
C GLN B 233 0.51 9.98 39.71
N LEU B 234 -0.01 10.89 38.87
CA LEU B 234 0.17 12.31 39.10
C LEU B 234 -1.01 12.96 39.82
N GLY B 235 -1.61 12.22 40.75
CA GLY B 235 -2.72 12.74 41.54
C GLY B 235 -4.05 12.98 40.86
N LEU B 236 -4.07 12.94 39.53
CA LEU B 236 -5.30 13.17 38.78
C LEU B 236 -6.23 11.96 38.80
N ASN B 237 -7.51 12.18 38.55
CA ASN B 237 -8.51 11.10 38.56
C ASN B 237 -9.11 10.77 37.20
N ASN B 238 -8.71 11.53 36.18
CA ASN B 238 -9.21 11.32 34.82
C ASN B 238 -9.19 9.84 34.44
N ALA B 239 -10.36 9.28 34.16
CA ALA B 239 -10.47 7.87 33.81
C ALA B 239 -10.75 7.63 32.33
N PHE B 240 -10.38 6.44 31.87
CA PHE B 240 -10.58 6.05 30.49
C PHE B 240 -11.35 4.74 30.41
N LEU B 241 -12.27 4.67 29.45
CA LEU B 241 -13.08 3.47 29.27
C LEU B 241 -12.83 2.95 27.86
N PRO B 242 -12.46 1.68 27.74
CA PRO B 242 -12.22 1.18 26.39
C PRO B 242 -13.53 0.92 25.68
N VAL B 243 -13.58 1.25 24.39
CA VAL B 243 -14.74 0.98 23.58
C VAL B 243 -14.21 0.18 22.42
N LYS B 244 -14.32 -1.13 22.53
CA LYS B 244 -13.82 -2.02 21.51
C LYS B 244 -14.61 -1.93 20.24
N GLY B 245 -13.90 -1.98 19.12
CA GLY B 245 -14.52 -1.92 17.81
C GLY B 245 -13.87 -2.97 16.93
N GLU B 246 -14.67 -3.84 16.31
CA GLU B 246 -14.10 -4.86 15.45
C GLU B 246 -14.48 -4.60 13.99
N CYS B 247 -13.57 -4.93 13.08
CA CYS B 247 -13.76 -4.72 11.65
C CYS B 247 -13.25 -5.88 10.81
N LEU B 248 -13.41 -5.73 9.51
CA LEU B 248 -12.96 -6.71 8.56
C LEU B 248 -12.74 -5.97 7.26
N SER B 249 -12.11 -6.67 6.31
CA SER B 249 -11.89 -6.08 5.00
C SER B 249 -12.17 -7.16 3.98
N VAL B 250 -12.51 -6.74 2.78
CA VAL B 250 -12.79 -7.68 1.71
C VAL B 250 -12.10 -7.11 0.50
N TRP B 251 -12.07 -7.88 -0.57
CA TRP B 251 -11.45 -7.45 -1.83
C TRP B 251 -12.57 -7.06 -2.78
N ASN B 252 -12.57 -5.81 -3.21
CA ASN B 252 -13.60 -5.35 -4.14
C ASN B 252 -13.03 -5.39 -5.56
N ASP B 253 -13.16 -6.52 -6.22
CA ASP B 253 -12.64 -6.64 -7.57
C ASP B 253 -13.70 -6.49 -8.64
N ASP B 254 -14.97 -6.33 -8.26
CA ASP B 254 -16.00 -6.22 -9.28
C ASP B 254 -16.73 -4.91 -9.50
N ILE B 255 -17.04 -4.19 -8.43
CA ILE B 255 -17.77 -2.95 -8.60
C ILE B 255 -16.95 -1.70 -8.32
N PRO B 256 -17.42 -0.56 -8.84
CA PRO B 256 -16.72 0.72 -8.62
C PRO B 256 -17.22 1.30 -7.31
N LEU B 257 -16.32 1.90 -6.55
CA LEU B 257 -16.71 2.50 -5.29
C LEU B 257 -15.63 3.51 -4.98
N THR B 258 -15.96 4.78 -5.21
CA THR B 258 -15.01 5.85 -4.98
C THR B 258 -15.23 6.56 -3.68
N LYS B 259 -16.49 6.85 -3.38
CA LYS B 259 -16.83 7.55 -2.16
C LYS B 259 -17.04 6.59 -1.01
N THR B 260 -16.71 7.06 0.18
CA THR B 260 -16.87 6.27 1.39
C THR B 260 -18.34 6.26 1.77
N LEU B 261 -18.88 5.07 2.01
CA LEU B 261 -20.27 4.94 2.40
C LEU B 261 -20.29 4.94 3.92
N TYR B 262 -21.14 5.77 4.51
CA TYR B 262 -21.19 5.88 5.95
C TYR B 262 -22.63 5.92 6.49
N HIS B 263 -22.87 5.25 7.61
CA HIS B 263 -24.19 5.26 8.22
C HIS B 263 -24.23 4.74 9.65
N ASP B 264 -24.77 5.55 10.54
CA ASP B 264 -24.91 5.17 11.93
C ASP B 264 -23.63 4.59 12.50
N HIS B 265 -22.56 5.39 12.49
CA HIS B 265 -21.26 4.97 13.02
C HIS B 265 -20.59 3.79 12.33
N CYS B 266 -21.13 3.36 11.19
CA CYS B 266 -20.57 2.26 10.45
C CYS B 266 -20.15 2.77 9.09
N TYR B 267 -19.19 2.08 8.45
CA TYR B 267 -18.69 2.55 7.18
C TYR B 267 -18.10 1.48 6.28
N ILE B 268 -17.87 1.88 5.04
CA ILE B 268 -17.28 1.04 4.03
C ILE B 268 -16.36 2.00 3.32
N VAL B 269 -15.06 1.90 3.58
CA VAL B 269 -14.13 2.81 2.96
C VAL B 269 -13.24 2.09 1.97
N PRO B 270 -13.27 2.55 0.70
CA PRO B 270 -12.47 1.97 -0.38
C PRO B 270 -11.01 2.41 -0.34
N ARG B 271 -10.11 1.44 -0.20
CA ARG B 271 -8.68 1.73 -0.16
C ARG B 271 -8.11 1.68 -1.57
N LYS B 272 -6.98 2.34 -1.76
CA LYS B 272 -6.33 2.39 -3.07
C LYS B 272 -5.80 1.02 -3.50
N SER B 273 -5.85 0.05 -2.59
CA SER B 273 -5.37 -1.31 -2.90
C SER B 273 -6.45 -2.22 -3.46
N GLY B 274 -7.69 -1.77 -3.47
CA GLY B 274 -8.78 -2.59 -3.96
C GLY B 274 -9.54 -3.24 -2.82
N ARG B 275 -9.04 -3.06 -1.60
CA ARG B 275 -9.70 -3.61 -0.42
C ARG B 275 -10.73 -2.61 0.09
N LEU B 276 -11.76 -3.10 0.77
CA LEU B 276 -12.76 -2.23 1.37
C LEU B 276 -12.62 -2.48 2.86
N VAL B 277 -12.42 -1.43 3.63
CA VAL B 277 -12.31 -1.57 5.08
C VAL B 277 -13.74 -1.41 5.59
N VAL B 278 -14.22 -2.45 6.25
CA VAL B 278 -15.58 -2.45 6.73
C VAL B 278 -15.69 -2.60 8.21
N GLY B 279 -16.43 -1.69 8.81
CA GLY B 279 -16.59 -1.84 10.22
C GLY B 279 -17.44 -1.01 11.13
N ALA B 280 -17.09 -1.41 12.35
CA ALA B 280 -17.44 -0.97 13.65
C ALA B 280 -18.61 -1.27 14.53
N THR B 281 -18.28 -2.17 15.46
CA THR B 281 -19.09 -2.60 16.56
C THR B 281 -18.59 -1.58 17.58
N MET B 282 -19.33 -1.43 18.67
CA MET B 282 -19.00 -0.53 19.76
C MET B 282 -19.24 -1.41 20.98
N LYS B 283 -18.16 -1.81 21.66
CA LYS B 283 -18.28 -2.64 22.84
C LYS B 283 -17.60 -2.00 24.04
N PRO B 284 -18.36 -1.21 24.81
CA PRO B 284 -17.86 -0.49 26.00
C PRO B 284 -17.40 -1.44 27.10
N GLY B 285 -16.27 -1.12 27.72
CA GLY B 285 -15.75 -1.94 28.81
C GLY B 285 -14.98 -3.17 28.41
N ASP B 286 -14.97 -3.50 27.12
CA ASP B 286 -14.26 -4.68 26.64
C ASP B 286 -12.81 -4.33 26.30
N TRP B 287 -11.86 -5.00 26.96
CA TRP B 287 -10.44 -4.76 26.72
C TRP B 287 -9.79 -5.76 25.76
N SER B 288 -10.54 -6.76 25.31
CA SER B 288 -9.94 -7.73 24.40
C SER B 288 -9.70 -7.06 23.02
N GLU B 289 -8.60 -7.40 22.36
CA GLU B 289 -8.27 -6.80 21.07
C GLU B 289 -8.42 -7.73 19.87
N THR B 290 -9.15 -8.83 20.05
CA THR B 290 -9.40 -9.77 18.96
C THR B 290 -10.91 -9.87 18.79
N PRO B 291 -11.40 -9.89 17.54
CA PRO B 291 -12.83 -9.97 17.22
C PRO B 291 -13.52 -11.26 17.69
N ASP B 292 -14.77 -11.14 18.15
CA ASP B 292 -15.57 -12.29 18.58
C ASP B 292 -16.53 -12.57 17.41
N LEU B 293 -16.95 -13.81 17.26
CA LEU B 293 -17.84 -14.19 16.17
C LEU B 293 -19.08 -13.31 15.99
N GLY B 294 -19.78 -13.02 17.08
CA GLY B 294 -20.96 -12.19 16.97
C GLY B 294 -20.66 -10.80 16.47
N GLY B 295 -19.51 -10.26 16.87
CA GLY B 295 -19.13 -8.94 16.45
C GLY B 295 -19.01 -8.81 14.94
N LEU B 296 -18.21 -9.68 14.32
CA LEU B 296 -18.02 -9.66 12.89
C LEU B 296 -19.32 -9.93 12.13
N GLU B 297 -20.16 -10.80 12.68
CA GLU B 297 -21.42 -11.12 12.02
C GLU B 297 -22.24 -9.85 11.92
N SER B 298 -22.19 -9.06 12.98
CA SER B 298 -22.92 -7.82 13.06
C SER B 298 -22.44 -6.82 12.00
N VAL B 299 -21.13 -6.77 11.81
CA VAL B 299 -20.57 -5.85 10.83
C VAL B 299 -20.91 -6.28 9.42
N MET B 300 -20.85 -7.59 9.17
CA MET B 300 -21.18 -8.14 7.85
C MET B 300 -22.63 -7.84 7.53
N LYS B 301 -23.50 -8.09 8.50
CA LYS B 301 -24.91 -7.84 8.33
C LYS B 301 -25.16 -6.36 8.02
N LYS B 302 -24.54 -5.47 8.79
CA LYS B 302 -24.72 -4.05 8.58
C LYS B 302 -24.21 -3.59 7.23
N ALA B 303 -22.99 -3.98 6.87
CA ALA B 303 -22.43 -3.58 5.59
C ALA B 303 -23.29 -3.97 4.38
N LYS B 304 -23.96 -5.12 4.44
CA LYS B 304 -24.81 -5.54 3.34
C LYS B 304 -26.00 -4.61 3.11
N THR B 305 -26.50 -3.99 4.18
CA THR B 305 -27.63 -3.08 4.04
C THR B 305 -27.22 -1.79 3.35
N MET B 306 -25.92 -1.53 3.32
CA MET B 306 -25.37 -0.31 2.71
C MET B 306 -24.81 -0.60 1.32
N LEU B 307 -24.17 -1.75 1.16
CA LEU B 307 -23.61 -2.17 -0.13
C LEU B 307 -23.99 -3.63 -0.33
N PRO B 308 -25.19 -3.89 -0.86
CA PRO B 308 -25.61 -5.27 -1.08
C PRO B 308 -24.57 -6.19 -1.74
N PRO B 309 -23.87 -5.71 -2.77
CA PRO B 309 -22.85 -6.51 -3.48
C PRO B 309 -21.70 -7.01 -2.60
N ILE B 310 -21.42 -6.32 -1.50
CA ILE B 310 -20.31 -6.73 -0.64
C ILE B 310 -20.46 -8.16 -0.15
N GLN B 311 -21.67 -8.71 -0.19
CA GLN B 311 -21.85 -10.07 0.27
C GLN B 311 -21.13 -11.10 -0.61
N ASN B 312 -20.85 -10.74 -1.86
CA ASN B 312 -20.18 -11.64 -2.79
C ASN B 312 -18.68 -11.45 -2.82
N MET B 313 -18.20 -10.48 -2.05
CA MET B 313 -16.78 -10.20 -2.03
C MET B 313 -16.02 -11.13 -1.11
N LYS B 314 -14.78 -11.41 -1.49
CA LYS B 314 -13.88 -12.28 -0.74
C LYS B 314 -13.36 -11.62 0.53
N VAL B 315 -13.55 -12.28 1.67
CA VAL B 315 -13.06 -11.74 2.93
C VAL B 315 -11.53 -11.75 2.96
N ASP B 316 -10.96 -10.73 3.58
CA ASP B 316 -9.52 -10.60 3.68
C ASP B 316 -9.05 -10.77 5.13
N ARG B 317 -9.20 -9.74 5.95
CA ARG B 317 -8.79 -9.83 7.34
C ARG B 317 -9.85 -9.32 8.31
N PHE B 318 -9.64 -9.61 9.58
CA PHE B 318 -10.56 -9.18 10.63
C PHE B 318 -9.69 -8.75 11.81
N TRP B 319 -10.05 -7.64 12.44
CA TRP B 319 -9.26 -7.16 13.56
C TRP B 319 -10.09 -6.32 14.54
N ALA B 320 -9.43 -5.81 15.57
CA ALA B 320 -10.12 -5.01 16.56
C ALA B 320 -9.19 -4.01 17.22
N GLY B 321 -9.76 -3.00 17.84
CA GLY B 321 -8.97 -1.98 18.50
C GLY B 321 -9.76 -1.43 19.67
N LEU B 322 -9.06 -0.76 20.59
CA LEU B 322 -9.70 -0.18 21.76
C LEU B 322 -9.74 1.34 21.64
N ARG B 323 -10.92 1.88 21.36
CA ARG B 323 -11.04 3.34 21.26
C ARG B 323 -10.87 3.87 22.67
N PRO B 324 -10.09 4.95 22.84
CA PRO B 324 -9.87 5.56 24.17
C PRO B 324 -11.07 6.41 24.56
N GLY B 325 -11.98 5.85 25.35
CA GLY B 325 -13.16 6.60 25.75
C GLY B 325 -13.04 7.39 27.04
N THR B 326 -13.71 8.53 27.11
CA THR B 326 -13.70 9.38 28.30
C THR B 326 -15.14 9.76 28.69
N LYS B 327 -15.33 10.12 29.96
CA LYS B 327 -16.66 10.49 30.48
C LYS B 327 -17.53 11.41 29.64
N ASP B 328 -16.94 12.45 29.08
CA ASP B 328 -17.73 13.37 28.28
C ASP B 328 -17.48 13.24 26.79
N GLY B 329 -16.88 12.13 26.38
CA GLY B 329 -16.62 11.93 24.96
C GLY B 329 -15.56 12.82 24.36
N LYS B 330 -15.02 13.74 25.16
CA LYS B 330 -13.97 14.64 24.68
C LYS B 330 -12.60 14.23 25.21
N PRO B 331 -11.55 14.51 24.43
CA PRO B 331 -10.19 14.16 24.84
C PRO B 331 -9.67 15.10 25.91
N TYR B 332 -8.52 14.75 26.48
CA TYR B 332 -7.86 15.57 27.46
C TYR B 332 -6.58 15.97 26.74
N ILE B 333 -6.49 17.25 26.38
CA ILE B 333 -5.30 17.75 25.70
C ILE B 333 -4.92 19.03 26.44
N GLY B 334 -3.96 18.93 27.34
CA GLY B 334 -3.53 20.10 28.09
C GLY B 334 -2.53 19.83 29.20
N ARG B 335 -2.10 20.90 29.86
CA ARG B 335 -1.13 20.81 30.94
C ARG B 335 -1.75 20.22 32.21
N HIS B 336 -0.91 19.67 33.07
CA HIS B 336 -1.36 19.13 34.35
C HIS B 336 -1.73 20.40 35.12
N PRO B 337 -2.89 20.41 35.80
CA PRO B 337 -3.26 21.61 36.55
C PRO B 337 -2.16 22.13 37.50
N GLU B 338 -1.64 21.24 38.33
CA GLU B 338 -0.60 21.63 39.28
C GLU B 338 0.85 21.54 38.80
N ASP B 339 1.07 21.37 37.50
CA ASP B 339 2.44 21.27 36.99
C ASP B 339 2.45 21.34 35.47
N SER B 340 2.77 22.52 34.94
CA SER B 340 2.80 22.73 33.49
C SER B 340 3.90 21.98 32.76
N ARG B 341 4.73 21.26 33.50
CA ARG B 341 5.83 20.51 32.87
C ARG B 341 5.29 19.20 32.31
N ILE B 342 4.15 18.78 32.87
CA ILE B 342 3.49 17.54 32.47
C ILE B 342 2.26 17.86 31.62
N LEU B 343 2.12 17.17 30.49
CA LEU B 343 0.97 17.39 29.63
C LEU B 343 0.29 16.06 29.28
N PHE B 344 -0.92 16.15 28.75
CA PHE B 344 -1.69 14.97 28.38
C PHE B 344 -2.36 15.14 27.01
N ALA B 345 -2.42 14.05 26.26
CA ALA B 345 -3.05 14.04 24.95
C ALA B 345 -3.64 12.65 24.77
N ALA B 346 -4.72 12.37 25.49
CA ALA B 346 -5.34 11.06 25.42
C ALA B 346 -6.87 11.10 25.49
N GLY B 347 -7.50 10.07 24.92
CA GLY B 347 -8.94 9.97 24.94
C GLY B 347 -9.58 10.50 23.68
N HIS B 348 -8.94 10.28 22.54
CA HIS B 348 -9.48 10.76 21.27
C HIS B 348 -10.56 9.84 20.69
N PHE B 349 -11.15 9.02 21.55
CA PHE B 349 -12.24 8.11 21.19
C PHE B 349 -12.34 7.65 19.73
N ARG B 350 -13.20 8.30 18.96
CA ARG B 350 -13.41 7.95 17.56
C ARG B 350 -12.64 8.81 16.56
N ASN B 351 -11.94 9.84 17.02
CA ASN B 351 -11.25 10.72 16.06
C ASN B 351 -9.76 10.92 16.20
N GLY B 352 -9.08 9.98 16.85
CA GLY B 352 -7.65 10.09 17.02
C GLY B 352 -6.84 10.32 15.75
N ILE B 353 -7.21 9.64 14.66
CA ILE B 353 -6.47 9.82 13.43
C ILE B 353 -6.68 11.23 12.90
N LEU B 354 -7.94 11.64 12.82
CA LEU B 354 -8.31 12.97 12.34
C LEU B 354 -7.64 14.08 13.15
N LEU B 355 -7.73 13.96 14.47
CA LEU B 355 -7.20 14.97 15.37
C LEU B 355 -5.70 14.93 15.70
N ALA B 356 -4.95 14.02 15.09
CA ALA B 356 -3.53 13.94 15.41
C ALA B 356 -2.79 15.23 15.10
N PRO B 357 -2.82 15.67 13.83
CA PRO B 357 -2.12 16.92 13.45
C PRO B 357 -2.38 18.10 14.38
N ALA B 358 -3.64 18.29 14.75
CA ALA B 358 -4.00 19.41 15.63
C ALA B 358 -3.62 19.17 17.08
N THR B 359 -3.64 17.91 17.51
CA THR B 359 -3.28 17.59 18.89
C THR B 359 -1.78 17.76 19.07
N GLY B 360 -1.02 17.32 18.06
CA GLY B 360 0.42 17.45 18.13
C GLY B 360 0.81 18.91 18.23
N ALA B 361 0.39 19.69 17.23
CA ALA B 361 0.69 21.11 17.19
C ALA B 361 0.31 21.86 18.47
N LEU B 362 -0.84 21.52 19.04
CA LEU B 362 -1.29 22.17 20.26
C LEU B 362 -0.39 21.86 21.44
N ILE B 363 0.07 20.62 21.54
CA ILE B 363 0.93 20.19 22.64
C ILE B 363 2.32 20.78 22.49
N SER B 364 2.79 20.84 21.24
CA SER B 364 4.11 21.38 20.93
C SER B 364 4.10 22.88 21.14
N ASP B 365 2.92 23.50 20.99
CA ASP B 365 2.78 24.92 21.18
C ASP B 365 2.64 25.26 22.66
N LEU B 366 2.22 24.29 23.46
CA LEU B 366 2.08 24.51 24.90
C LEU B 366 3.45 24.34 25.55
N ILE B 367 4.27 23.46 24.98
CA ILE B 367 5.60 23.22 25.50
C ILE B 367 6.45 24.43 25.11
N MET B 368 6.43 24.81 23.84
CA MET B 368 7.18 25.97 23.37
C MET B 368 6.56 27.25 23.92
N ASN B 369 5.57 27.08 24.79
CA ASN B 369 4.86 28.18 25.42
C ASN B 369 4.35 29.29 24.50
N LYS B 370 3.89 28.93 23.31
CA LYS B 370 3.36 29.90 22.36
C LYS B 370 1.93 30.21 22.75
N GLU B 371 1.25 31.06 21.97
CA GLU B 371 -0.14 31.40 22.28
C GLU B 371 -1.05 30.39 21.59
N VAL B 372 -2.04 29.89 22.31
CA VAL B 372 -2.97 28.91 21.75
C VAL B 372 -4.43 29.28 21.98
N ASN B 373 -5.28 28.80 21.09
CA ASN B 373 -6.71 29.05 21.14
C ASN B 373 -7.22 28.73 22.54
N GLN B 374 -7.68 29.74 23.26
CA GLN B 374 -8.17 29.54 24.62
C GLN B 374 -9.40 28.65 24.67
N ASP B 375 -10.19 28.66 23.61
CA ASP B 375 -11.39 27.84 23.58
C ASP B 375 -11.04 26.35 23.54
N TRP B 376 -10.15 25.99 22.63
CA TRP B 376 -9.71 24.60 22.52
C TRP B 376 -9.02 24.20 23.81
N LEU B 377 -8.05 25.00 24.21
CA LEU B 377 -7.31 24.72 25.44
C LEU B 377 -8.23 24.52 26.63
N HIS B 378 -9.31 25.30 26.70
CA HIS B 378 -10.27 25.19 27.81
C HIS B 378 -11.21 24.03 27.59
N ALA B 379 -11.49 23.72 26.33
CA ALA B 379 -12.39 22.64 25.97
C ALA B 379 -11.84 21.28 26.36
N PHE B 380 -10.52 21.13 26.23
CA PHE B 380 -9.87 19.87 26.54
C PHE B 380 -9.09 19.82 27.86
N ARG B 381 -9.25 20.84 28.69
CA ARG B 381 -8.54 20.91 29.97
C ARG B 381 -8.65 19.62 30.77
N ILE B 382 -7.62 19.29 31.52
CA ILE B 382 -7.59 18.08 32.34
C ILE B 382 -8.59 18.05 33.48
N ASP B 383 -8.88 19.22 34.07
CA ASP B 383 -9.85 19.30 35.17
C ASP B 383 -11.23 19.73 34.67
N ARG B 384 -12.07 18.75 34.33
CA ARG B 384 -13.40 19.05 33.83
C ARG B 384 -14.51 18.60 34.79
N LYS B 385 -15.66 19.28 34.70
CA LYS B 385 -16.80 18.98 35.55
C LYS B 385 -17.28 17.55 35.39
#